data_6SA0
#
_entry.id   6SA0
#
_cell.length_a   136.059
_cell.length_b   136.059
_cell.length_c   133.479
_cell.angle_alpha   90.000
_cell.angle_beta   90.000
_cell.angle_gamma   120.000
#
_symmetry.space_group_name_H-M   'P 31 2 1'
#
loop_
_entity.id
_entity.type
_entity.pdbx_description
1 polymer 'DNA polymerase LigD, polymerase domain'
2 polymer "DNA (5'-D(P*GP*CP*GP*AP*GP*CP*G)-3')"
3 polymer "DNA (5'-D(*CP*GP*CP*TP*CP*GP*CP*AP*AP*CP*GP*CP*A)-3')"
4 polymer "DNA (5'-D(P*TP*GP*CP*GP)-3')"
5 non-polymer "5'-O-[(S)-hydroxy{[(S)-hydroxy(phosphonooxy)phosphoryl]amino}phosphoryl]uridine"
6 non-polymer 'MANGANESE (II) ION'
7 non-polymer 'CACODYLATE ION'
8 non-polymer 1,2-ETHANEDIOL
9 water water
#
loop_
_entity_poly.entity_id
_entity_poly.type
_entity_poly.pdbx_seq_one_letter_code
_entity_poly.pdbx_strand_id
1 'polypeptide(L)'
;MMASAATELDVDGVKVRFTNPDKVYFPKLGKNGTKGKLVEYYLSVASGPMLALLRDRPVHLQRFPDGIEGEEIYQKRVPQ
KHPDYLETCVVTFPSGRTADALKITHPSSIIWAAQMGTVTLHPWQVRCPDTEHPDELRVDLDPQPGTGFKEARTVACDVL
KPLLDELGLVGYPKTSGGRGVHVFLRIKPQWDFIEVRRAGIALAREVERRAPDAVTTSWWKEERGERLFIDYNQNARDRT
FASAYSVRKTPIATVSMPLSWDELRNADPDDYTMNTVPDLLAGRDDPWADIDSVQQSLGPLLDLVAADEERGLGDLPYPP
NYPKMPGEPPRVQPSKKVAEHWDEQGNRKQ
;
A,D
2 'polydeoxyribonucleotide' (DG)(DC)(DG)(DA)(DG)(DC)(DG) B,E
3 'polydeoxyribonucleotide' (DC)(DG)(DC)(DT)(DC)(DG)(DC)(DA)(DA)(DC)(DG)(DC)(DA)(DC)(DG) C,F
4 'polydeoxyribonucleotide' (DC)(DG)(DT)(DG)(DC)(DG) H,G
#
# COMPACT_ATOMS: atom_id res chain seq x y z
N SER A 4 -22.45 12.64 26.44
CA SER A 4 -21.61 11.42 26.52
C SER A 4 -21.51 10.68 25.15
N ALA A 5 -21.92 11.40 24.10
CA ALA A 5 -21.95 10.93 22.71
C ALA A 5 -20.55 10.59 22.20
N ALA A 6 -20.54 9.91 21.06
CA ALA A 6 -19.29 9.52 20.44
C ALA A 6 -18.38 10.73 20.24
N THR A 7 -17.07 10.50 20.20
CA THR A 7 -16.18 11.55 19.76
C THR A 7 -15.54 11.11 18.45
N GLU A 8 -14.72 11.99 17.88
CA GLU A 8 -14.10 11.75 16.60
C GLU A 8 -12.60 11.94 16.74
N LEU A 9 -11.83 10.91 16.40
CA LEU A 9 -10.38 11.03 16.37
C LEU A 9 -9.92 11.37 14.96
N ASP A 10 -8.94 12.24 14.85
CA ASP A 10 -8.33 12.48 13.55
C ASP A 10 -7.03 11.68 13.46
N VAL A 11 -7.07 10.61 12.66
CA VAL A 11 -5.96 9.69 12.48
C VAL A 11 -5.42 9.87 11.07
N ASP A 12 -4.32 10.62 10.96
CA ASP A 12 -3.66 10.89 9.66
C ASP A 12 -4.66 11.29 8.59
N GLY A 13 -5.53 12.27 8.91
CA GLY A 13 -6.44 12.81 7.92
C GLY A 13 -7.78 12.13 7.86
N VAL A 14 -7.92 10.97 8.51
CA VAL A 14 -9.15 10.18 8.49
C VAL A 14 -9.85 10.34 9.83
N LYS A 15 -11.16 10.58 9.79
CA LYS A 15 -11.98 10.75 10.99
C LYS A 15 -12.52 9.38 11.43
N VAL A 16 -12.24 9.00 12.67
CA VAL A 16 -12.60 7.68 13.19
C VAL A 16 -13.49 7.85 14.41
N ARG A 17 -14.65 7.21 14.39
CA ARG A 17 -15.58 7.29 15.52
C ARG A 17 -15.03 6.54 16.74
N PHE A 18 -15.25 7.10 17.95
CA PHE A 18 -14.70 6.59 19.19
C PHE A 18 -15.66 6.71 20.38
N THR A 19 -15.91 5.60 21.07
CA THR A 19 -16.85 5.60 22.19
C THR A 19 -16.26 4.93 23.42
N ASN A 20 -16.89 5.18 24.55
CA ASN A 20 -16.65 4.46 25.78
C ASN A 20 -15.19 4.50 26.21
N PRO A 21 -14.58 5.68 26.31
CA PRO A 21 -13.16 5.75 26.70
C PRO A 21 -12.87 5.16 28.07
N ASP A 22 -13.84 5.17 28.97
CA ASP A 22 -13.62 4.75 30.35
C ASP A 22 -14.17 3.35 30.64
N LYS A 23 -14.65 2.63 29.63
CA LYS A 23 -15.03 1.25 29.87
C LYS A 23 -13.79 0.40 30.22
N VAL A 24 -13.89 -0.36 31.30
CA VAL A 24 -12.77 -1.18 31.75
C VAL A 24 -12.65 -2.38 30.83
N TYR A 25 -11.50 -2.54 30.18
CA TYR A 25 -11.19 -3.78 29.46
C TYR A 25 -10.31 -4.74 30.25
N PHE A 26 -9.33 -4.21 31.00
CA PHE A 26 -8.40 -5.00 31.79
C PHE A 26 -8.61 -4.66 33.26
N PRO A 27 -9.45 -5.41 33.95
CA PRO A 27 -9.82 -5.05 35.33
C PRO A 27 -8.64 -4.84 36.28
N LYS A 28 -7.54 -5.56 36.10
CA LYS A 28 -6.43 -5.50 37.04
C LYS A 28 -5.61 -4.19 36.99
N LEU A 29 -5.73 -3.38 35.94
CA LEU A 29 -4.84 -2.23 35.73
C LEU A 29 -5.37 -0.87 36.24
N GLY A 30 -6.53 -0.84 36.88
CA GLY A 30 -7.03 0.45 37.38
C GLY A 30 -7.16 1.49 36.27
N LYS A 31 -6.67 2.70 36.54
CA LYS A 31 -6.78 3.79 35.57
C LYS A 31 -6.14 3.43 34.22
N ASN A 32 -5.27 2.42 34.19
CA ASN A 32 -4.57 2.10 32.96
C ASN A 32 -5.17 0.93 32.17
N GLY A 33 -6.39 0.48 32.48
CA GLY A 33 -6.95 -0.65 31.77
C GLY A 33 -8.22 -0.42 30.99
N THR A 34 -8.51 0.85 30.66
CA THR A 34 -9.74 1.24 29.99
C THR A 34 -9.60 1.09 28.48
N LYS A 35 -10.74 1.05 27.78
CA LYS A 35 -10.73 1.10 26.32
C LYS A 35 -9.98 2.35 25.80
N GLY A 36 -10.12 3.48 26.50
CA GLY A 36 -9.40 4.68 26.12
C GLY A 36 -7.89 4.49 26.15
N LYS A 37 -7.38 3.78 27.19
CA LYS A 37 -5.93 3.54 27.29
C LYS A 37 -5.44 2.64 26.17
N LEU A 38 -6.25 1.65 25.79
CA LEU A 38 -5.96 0.80 24.65
C LEU A 38 -5.89 1.60 23.35
N VAL A 39 -6.90 2.46 23.12
CA VAL A 39 -6.91 3.25 21.90
C VAL A 39 -5.73 4.20 21.89
N GLU A 40 -5.39 4.74 23.06
CA GLU A 40 -4.23 5.61 23.18
C GLU A 40 -2.94 4.87 22.80
N TYR A 41 -2.78 3.64 23.28
CA TYR A 41 -1.61 2.83 22.89
C TYR A 41 -1.56 2.67 21.37
N TYR A 42 -2.68 2.23 20.78
CA TYR A 42 -2.67 1.95 19.34
C TYR A 42 -2.46 3.21 18.51
N LEU A 43 -2.96 4.37 18.98
CA LEU A 43 -2.62 5.63 18.30
C LEU A 43 -1.13 5.88 18.37
N SER A 44 -0.50 5.49 19.47
CA SER A 44 0.92 5.73 19.56
C SER A 44 1.75 4.82 18.63
N VAL A 45 1.27 3.62 18.30
CA VAL A 45 2.08 2.71 17.47
C VAL A 45 1.54 2.51 16.06
N ALA A 46 0.29 2.91 15.79
CA ALA A 46 -0.39 2.56 14.54
C ALA A 46 0.20 3.27 13.32
N SER A 47 0.92 4.38 13.51
CA SER A 47 1.49 5.07 12.36
C SER A 47 2.92 4.64 12.08
N GLY A 48 3.51 3.79 12.94
CA GLY A 48 4.90 3.42 12.85
C GLY A 48 5.18 2.02 12.35
N PRO A 49 6.18 1.35 12.94
CA PRO A 49 6.56 0.02 12.43
C PRO A 49 5.43 -1.00 12.47
N MET A 50 4.47 -0.85 13.39
CA MET A 50 3.31 -1.76 13.36
C MET A 50 2.67 -1.71 11.99
N LEU A 51 2.45 -0.50 11.47
CA LEU A 51 1.79 -0.34 10.18
C LEU A 51 2.60 -0.99 9.08
N ALA A 52 3.91 -0.69 9.01
CA ALA A 52 4.74 -1.25 7.93
C ALA A 52 4.73 -2.78 7.98
N LEU A 53 4.76 -3.37 9.18
CA LEU A 53 4.71 -4.82 9.30
C LEU A 53 3.37 -5.38 8.85
N LEU A 54 2.26 -4.67 9.06
CA LEU A 54 0.93 -5.15 8.70
C LEU A 54 0.49 -4.76 7.30
N ARG A 55 1.26 -3.95 6.58
CA ARG A 55 0.73 -3.28 5.41
C ARG A 55 0.23 -4.24 4.34
N ASP A 56 -1.01 -4.06 3.94
CA ASP A 56 -1.68 -4.85 2.92
C ASP A 56 -1.95 -6.29 3.35
N ARG A 57 -1.87 -6.60 4.65
CA ARG A 57 -2.19 -7.97 5.07
C ARG A 57 -3.67 -8.08 5.45
N PRO A 58 -4.32 -9.19 5.12
CA PRO A 58 -5.62 -9.48 5.75
C PRO A 58 -5.44 -9.88 7.22
N VAL A 59 -6.34 -9.41 8.08
CA VAL A 59 -6.22 -9.72 9.51
C VAL A 59 -7.56 -10.19 10.04
N HIS A 60 -7.49 -11.04 11.05
CA HIS A 60 -8.65 -11.35 11.87
C HIS A 60 -8.60 -10.51 13.12
N LEU A 61 -9.77 -10.27 13.70
CA LEU A 61 -9.90 -9.52 14.92
C LEU A 61 -10.22 -10.47 16.06
N GLN A 62 -9.59 -10.24 17.20
CA GLN A 62 -9.96 -10.88 18.45
C GLN A 62 -10.50 -9.74 19.32
N ARG A 63 -11.83 -9.67 19.44
CA ARG A 63 -12.54 -8.55 20.03
C ARG A 63 -13.09 -8.94 21.40
N PHE A 64 -13.09 -8.00 22.33
CA PHE A 64 -13.70 -8.21 23.64
C PHE A 64 -14.56 -6.99 23.94
N PRO A 65 -15.70 -6.86 23.28
CA PRO A 65 -16.50 -5.63 23.50
C PRO A 65 -16.88 -5.40 24.97
N ASP A 66 -16.81 -6.42 25.84
CA ASP A 66 -17.04 -6.25 27.27
C ASP A 66 -15.77 -6.45 28.12
N GLY A 67 -14.58 -6.28 27.54
CA GLY A 67 -13.34 -6.50 28.28
C GLY A 67 -12.95 -7.96 28.30
N ILE A 68 -11.74 -8.22 28.81
CA ILE A 68 -11.17 -9.55 28.60
C ILE A 68 -11.86 -10.63 29.43
N GLU A 69 -12.63 -10.25 30.45
CA GLU A 69 -13.38 -11.24 31.22
C GLU A 69 -14.77 -11.48 30.67
N GLY A 70 -15.18 -10.73 29.65
CA GLY A 70 -16.43 -10.97 28.96
C GLY A 70 -16.21 -11.93 27.80
N GLU A 71 -17.19 -11.97 26.91
CA GLU A 71 -17.11 -12.91 25.79
C GLU A 71 -16.03 -12.51 24.80
N GLU A 72 -15.35 -13.52 24.28
CA GLU A 72 -14.31 -13.36 23.27
C GLU A 72 -14.95 -13.58 21.90
N ILE A 73 -14.79 -12.61 20.99
CA ILE A 73 -15.39 -12.68 19.65
C ILE A 73 -14.27 -12.59 18.62
N TYR A 74 -13.89 -13.74 18.07
CA TYR A 74 -13.04 -13.79 16.88
C TYR A 74 -13.86 -13.41 15.66
N GLN A 75 -13.25 -12.67 14.75
CA GLN A 75 -13.96 -12.16 13.61
C GLN A 75 -13.03 -12.15 12.41
N LYS A 76 -13.43 -12.84 11.33
CA LYS A 76 -12.67 -12.89 10.09
C LYS A 76 -13.28 -12.02 8.96
N ARG A 77 -14.57 -11.74 9.01
CA ARG A 77 -15.28 -10.95 8.00
C ARG A 77 -15.57 -9.54 8.47
N VAL A 78 -15.33 -8.57 7.59
CA VAL A 78 -15.83 -7.22 7.80
C VAL A 78 -17.28 -7.16 7.35
N PRO A 79 -18.17 -6.53 8.12
CA PRO A 79 -19.57 -6.33 7.67
C PRO A 79 -19.66 -5.68 6.30
N GLN A 80 -20.69 -6.08 5.55
CA GLN A 80 -20.90 -5.51 4.22
C GLN A 80 -20.96 -3.99 4.26
N LYS A 81 -21.52 -3.44 5.34
CA LYS A 81 -21.63 -2.00 5.54
C LYS A 81 -20.61 -1.58 6.58
N HIS A 82 -19.66 -0.74 6.16
CA HIS A 82 -18.51 -0.31 6.96
C HIS A 82 -18.06 1.06 6.48
N PRO A 83 -17.22 1.76 7.26
CA PRO A 83 -16.76 3.10 6.87
C PRO A 83 -15.98 3.12 5.55
N ASP A 84 -16.13 4.24 4.83
CA ASP A 84 -15.53 4.38 3.50
C ASP A 84 -14.02 4.18 3.52
N TYR A 85 -13.38 4.56 4.61
CA TYR A 85 -11.94 4.50 4.67
C TYR A 85 -11.40 3.10 4.91
N LEU A 86 -12.26 2.12 5.16
CA LEU A 86 -11.79 0.76 5.37
C LEU A 86 -11.66 0.02 4.05
N GLU A 87 -10.61 -0.78 3.96
CA GLU A 87 -10.35 -1.61 2.80
C GLU A 87 -10.40 -3.06 3.24
N THR A 88 -10.95 -3.90 2.38
CA THR A 88 -11.09 -5.32 2.63
C THR A 88 -10.40 -6.09 1.51
N CYS A 89 -10.21 -7.37 1.75
CA CYS A 89 -9.54 -8.25 0.82
C CYS A 89 -10.11 -9.66 0.95
N VAL A 90 -10.19 -10.38 -0.16
CA VAL A 90 -10.80 -11.71 -0.17
C VAL A 90 -9.74 -12.76 0.17
N VAL A 91 -9.95 -13.51 1.23
CA VAL A 91 -9.10 -14.66 1.52
C VAL A 91 -9.95 -15.92 1.38
N THR A 92 -9.27 -17.03 1.06
CA THR A 92 -9.91 -18.32 0.78
C THR A 92 -9.47 -19.35 1.80
N PHE A 93 -10.44 -19.97 2.49
CA PHE A 93 -10.15 -21.03 3.45
C PHE A 93 -9.92 -22.38 2.75
N PRO A 94 -9.33 -23.35 3.46
CA PRO A 94 -9.08 -24.67 2.85
C PRO A 94 -10.34 -25.34 2.30
N SER A 95 -11.50 -25.03 2.85
CA SER A 95 -12.74 -25.62 2.35
C SER A 95 -13.14 -25.03 1.01
N GLY A 96 -12.60 -23.88 0.65
CA GLY A 96 -13.05 -23.15 -0.50
C GLY A 96 -13.97 -21.99 -0.18
N ARG A 97 -14.54 -21.93 1.02
CA ARG A 97 -15.29 -20.74 1.42
C ARG A 97 -14.34 -19.54 1.56
N THR A 98 -14.91 -18.36 1.45
CA THR A 98 -14.15 -17.12 1.36
C THR A 98 -14.62 -16.11 2.40
N ALA A 99 -13.78 -15.11 2.64
CA ALA A 99 -14.10 -14.07 3.60
C ALA A 99 -13.49 -12.75 3.17
N ASP A 100 -14.28 -11.68 3.30
CA ASP A 100 -13.85 -10.30 3.10
C ASP A 100 -13.21 -9.82 4.39
N ALA A 101 -11.89 -10.03 4.53
CA ALA A 101 -11.19 -9.69 5.75
C ALA A 101 -10.67 -8.25 5.73
N LEU A 102 -10.51 -7.67 6.91
CA LEU A 102 -9.89 -6.35 7.00
C LEU A 102 -8.51 -6.37 6.39
N LYS A 103 -8.19 -5.36 5.56
CA LYS A 103 -6.87 -5.19 4.96
C LYS A 103 -6.25 -3.96 5.62
N ILE A 104 -5.09 -4.12 6.28
CA ILE A 104 -4.47 -2.98 6.96
C ILE A 104 -3.76 -2.13 5.92
N THR A 105 -4.29 -0.94 5.67
CA THR A 105 -3.78 -0.03 4.65
C THR A 105 -3.31 1.32 5.21
N HIS A 106 -3.64 1.66 6.48
CA HIS A 106 -3.58 3.01 7.01
C HIS A 106 -3.78 2.92 8.51
N PRO A 107 -3.25 3.85 9.31
CA PRO A 107 -3.45 3.74 10.78
C PRO A 107 -4.90 3.77 11.21
N SER A 108 -5.75 4.44 10.42
CA SER A 108 -7.17 4.43 10.75
C SER A 108 -7.74 3.00 10.79
N SER A 109 -7.18 2.07 10.01
CA SER A 109 -7.63 0.66 10.07
C SER A 109 -7.41 0.07 11.46
N ILE A 110 -6.23 0.28 12.03
CA ILE A 110 -5.95 -0.21 13.37
C ILE A 110 -6.83 0.48 14.38
N ILE A 111 -7.02 1.81 14.24
CA ILE A 111 -7.81 2.52 15.24
C ILE A 111 -9.27 2.09 15.19
N TRP A 112 -9.82 1.87 13.99
CA TRP A 112 -11.19 1.38 13.88
C TRP A 112 -11.31 0.02 14.56
N ALA A 113 -10.36 -0.87 14.30
CA ALA A 113 -10.39 -2.17 14.96
C ALA A 113 -10.47 -2.02 16.47
N ALA A 114 -9.63 -1.16 17.04
CA ALA A 114 -9.64 -0.94 18.48
C ALA A 114 -10.99 -0.34 18.95
N GLN A 115 -11.59 0.56 18.17
CA GLN A 115 -12.90 1.08 18.53
C GLN A 115 -13.95 -0.03 18.58
N MET A 116 -13.82 -1.06 17.73
CA MET A 116 -14.71 -2.21 17.69
C MET A 116 -14.49 -3.18 18.83
N GLY A 117 -13.57 -2.87 19.75
CA GLY A 117 -13.24 -3.79 20.83
C GLY A 117 -12.11 -4.74 20.53
N THR A 118 -11.36 -4.54 19.45
CA THR A 118 -10.29 -5.49 19.12
C THR A 118 -9.15 -5.32 20.10
N VAL A 119 -8.86 -6.36 20.85
CA VAL A 119 -7.64 -6.33 21.64
C VAL A 119 -6.48 -6.78 20.76
N THR A 120 -6.67 -7.82 19.93
CA THR A 120 -5.54 -8.36 19.18
C THR A 120 -5.85 -8.48 17.70
N LEU A 121 -4.92 -8.03 16.84
CA LEU A 121 -4.96 -8.23 15.39
C LEU A 121 -4.20 -9.48 15.02
N HIS A 122 -4.70 -10.21 14.02
CA HIS A 122 -4.16 -11.53 13.66
C HIS A 122 -3.97 -11.64 12.14
N PRO A 123 -2.83 -11.19 11.63
CA PRO A 123 -2.63 -11.23 10.18
C PRO A 123 -2.35 -12.63 9.64
N TRP A 124 -2.85 -12.87 8.43
CA TRP A 124 -2.35 -13.92 7.58
C TRP A 124 -0.90 -13.62 7.18
N GLN A 125 -0.25 -14.63 6.58
CA GLN A 125 1.13 -14.53 6.18
C GLN A 125 1.28 -14.15 4.70
N VAL A 126 0.31 -13.40 4.17
CA VAL A 126 0.28 -13.00 2.76
C VAL A 126 0.07 -11.50 2.69
N ARG A 127 0.31 -10.95 1.51
CA ARG A 127 -0.06 -9.58 1.18
C ARG A 127 -1.11 -9.60 0.08
N CYS A 128 -2.24 -8.95 0.32
CA CYS A 128 -3.25 -8.77 -0.71
C CYS A 128 -2.71 -7.88 -1.82
N PRO A 129 -3.13 -8.12 -3.08
CA PRO A 129 -4.09 -9.14 -3.52
C PRO A 129 -3.47 -10.51 -3.85
N ASP A 130 -2.16 -10.68 -3.67
CA ASP A 130 -1.51 -11.97 -3.91
C ASP A 130 -1.72 -12.88 -2.68
N THR A 131 -2.98 -13.34 -2.52
CA THR A 131 -3.36 -14.09 -1.30
C THR A 131 -3.06 -15.58 -1.34
N GLU A 132 -2.51 -16.08 -2.43
CA GLU A 132 -2.19 -17.50 -2.55
C GLU A 132 -0.73 -17.82 -2.26
N HIS A 133 0.13 -16.83 -2.01
CA HIS A 133 1.57 -17.06 -1.85
C HIS A 133 2.13 -16.35 -0.62
N PRO A 134 2.42 -17.07 0.46
CA PRO A 134 3.00 -16.41 1.65
C PRO A 134 4.27 -15.63 1.33
N ASP A 135 4.44 -14.48 1.99
CA ASP A 135 5.71 -13.76 1.94
C ASP A 135 6.42 -13.84 3.28
N GLU A 136 5.95 -14.72 4.16
CA GLU A 136 6.51 -14.82 5.49
C GLU A 136 6.41 -16.26 5.91
N LEU A 137 7.52 -16.86 6.33
CA LEU A 137 7.53 -18.13 7.03
C LEU A 137 7.66 -17.83 8.51
N ARG A 138 6.85 -18.49 9.32
CA ARG A 138 6.67 -18.12 10.71
C ARG A 138 6.93 -19.33 11.57
N VAL A 139 7.74 -19.13 12.61
CA VAL A 139 8.08 -20.18 13.54
C VAL A 139 7.41 -19.82 14.86
N ASP A 140 6.60 -20.74 15.37
CA ASP A 140 5.79 -20.55 16.58
C ASP A 140 6.37 -21.46 17.66
N LEU A 141 6.98 -20.87 18.70
CA LEU A 141 7.59 -21.63 19.78
C LEU A 141 6.68 -21.59 21.01
N ASP A 142 6.19 -22.78 21.43
CA ASP A 142 5.18 -22.96 22.48
C ASP A 142 5.71 -23.79 23.62
N PRO A 143 6.07 -23.19 24.74
CA PRO A 143 6.41 -23.98 25.93
C PRO A 143 5.21 -24.82 26.37
N GLN A 144 5.46 -26.11 26.58
CA GLN A 144 4.46 -27.01 27.12
C GLN A 144 4.51 -27.01 28.64
N PRO A 145 3.48 -27.54 29.30
CA PRO A 145 3.46 -27.55 30.76
C PRO A 145 4.73 -28.15 31.34
N GLY A 146 5.30 -27.46 32.31
CA GLY A 146 6.62 -27.79 32.79
C GLY A 146 7.75 -27.00 32.14
N THR A 147 7.45 -26.17 31.12
CA THR A 147 8.43 -25.28 30.51
C THR A 147 7.82 -23.88 30.45
N GLY A 148 8.66 -22.89 30.14
CA GLY A 148 8.19 -21.52 30.11
C GLY A 148 8.94 -20.69 29.08
N PHE A 149 8.85 -19.39 29.24
CA PHE A 149 9.50 -18.48 28.31
C PHE A 149 11.03 -18.70 28.26
N LYS A 150 11.63 -19.04 29.38
CA LYS A 150 13.08 -19.22 29.42
C LYS A 150 13.52 -20.28 28.42
N GLU A 151 12.77 -21.38 28.31
CA GLU A 151 13.10 -22.39 27.32
C GLU A 151 12.88 -21.89 25.92
N ALA A 152 11.78 -21.17 25.71
CA ALA A 152 11.53 -20.60 24.40
C ALA A 152 12.69 -19.73 23.95
N ARG A 153 13.17 -18.84 24.81
CA ARG A 153 14.19 -17.89 24.39
C ARG A 153 15.54 -18.61 24.24
N THR A 154 15.80 -19.60 25.09
CA THR A 154 17.05 -20.35 24.97
C THR A 154 17.12 -21.09 23.65
N VAL A 155 16.05 -21.80 23.28
CA VAL A 155 16.06 -22.54 22.02
C VAL A 155 16.16 -21.58 20.85
N ALA A 156 15.42 -20.47 20.91
CA ALA A 156 15.47 -19.53 19.81
C ALA A 156 16.91 -19.03 19.61
N CYS A 157 17.56 -18.63 20.70
CA CYS A 157 18.89 -18.02 20.60
C CYS A 157 20.00 -19.03 20.33
N ASP A 158 19.92 -20.24 20.91
CA ASP A 158 21.06 -21.15 20.90
C ASP A 158 20.95 -22.28 19.90
N VAL A 159 19.78 -22.53 19.33
CA VAL A 159 19.62 -23.57 18.33
C VAL A 159 19.10 -23.01 17.01
N LEU A 160 17.98 -22.26 17.06
CA LEU A 160 17.38 -21.76 15.82
C LEU A 160 18.24 -20.66 15.17
N LYS A 161 18.66 -19.66 15.94
CA LYS A 161 19.49 -18.57 15.39
C LYS A 161 20.77 -19.08 14.71
N PRO A 162 21.60 -19.91 15.32
CA PRO A 162 22.82 -20.40 14.62
C PRO A 162 22.51 -21.23 13.41
N LEU A 163 21.42 -22.00 13.48
CA LEU A 163 20.95 -22.79 12.34
C LEU A 163 20.56 -21.90 11.15
N LEU A 164 19.75 -20.87 11.39
CA LEU A 164 19.44 -19.93 10.31
C LEU A 164 20.72 -19.31 9.76
N ASP A 165 21.65 -18.95 10.64
CA ASP A 165 22.94 -18.44 10.19
C ASP A 165 23.61 -19.42 9.23
N GLU A 166 23.63 -20.71 9.59
CA GLU A 166 24.24 -21.72 8.73
C GLU A 166 23.57 -21.77 7.38
N LEU A 167 22.22 -21.69 7.38
CA LEU A 167 21.44 -21.80 6.16
C LEU A 167 21.50 -20.53 5.31
N GLY A 168 22.16 -19.46 5.78
CA GLY A 168 22.19 -18.19 5.06
C GLY A 168 20.93 -17.36 5.17
N LEU A 169 20.08 -17.64 6.14
CA LEU A 169 18.78 -17.00 6.30
C LEU A 169 18.80 -16.06 7.50
N VAL A 170 17.93 -15.06 7.47
CA VAL A 170 17.79 -14.08 8.54
C VAL A 170 16.38 -14.19 9.11
N GLY A 171 16.28 -14.34 10.42
CA GLY A 171 15.01 -14.40 11.11
C GLY A 171 14.92 -13.28 12.11
N TYR A 172 13.69 -12.86 12.43
CA TYR A 172 13.40 -11.73 13.29
C TYR A 172 12.52 -12.20 14.44
N PRO A 173 12.95 -12.10 15.68
CA PRO A 173 12.10 -12.61 16.77
C PRO A 173 11.23 -11.57 17.46
N LYS A 174 10.12 -12.01 18.05
CA LYS A 174 9.33 -11.18 18.96
C LYS A 174 8.75 -12.03 20.06
N THR A 175 8.54 -11.41 21.23
CA THR A 175 7.67 -12.08 22.19
C THR A 175 6.28 -12.18 21.59
N SER A 176 5.59 -13.28 21.89
CA SER A 176 4.17 -13.37 21.57
C SER A 176 3.31 -12.52 22.52
N GLY A 177 3.82 -12.22 23.70
CA GLY A 177 2.99 -11.68 24.75
C GLY A 177 2.38 -12.73 25.66
N GLY A 178 2.46 -14.00 25.27
CA GLY A 178 2.03 -15.09 26.12
C GLY A 178 3.24 -15.76 26.74
N ARG A 179 3.41 -17.07 26.70
N ARG A 179 3.30 -17.08 26.58
CA ARG A 179 4.65 -17.54 27.31
CA ARG A 179 4.32 -17.93 27.15
C ARG A 179 5.68 -18.01 26.27
C ARG A 179 5.58 -17.99 26.28
N GLY A 180 5.46 -17.77 24.98
CA GLY A 180 6.45 -18.18 24.01
C GLY A 180 7.00 -17.12 23.06
N VAL A 181 7.54 -17.56 21.91
CA VAL A 181 8.30 -16.68 21.02
C VAL A 181 7.90 -16.94 19.58
N HIS A 182 7.88 -15.89 18.77
CA HIS A 182 7.66 -16.00 17.33
C HIS A 182 8.94 -15.59 16.60
N VAL A 183 9.24 -16.26 15.50
CA VAL A 183 10.35 -15.85 14.65
C VAL A 183 9.85 -15.78 13.22
N PHE A 184 10.03 -14.64 12.58
CA PHE A 184 9.51 -14.42 11.23
C PHE A 184 10.66 -14.35 10.24
N LEU A 185 10.48 -15.02 9.09
CA LEU A 185 11.40 -14.96 7.96
C LEU A 185 10.67 -14.41 6.74
N ARG A 186 11.19 -13.32 6.19
CA ARG A 186 10.62 -12.73 4.97
C ARG A 186 11.09 -13.52 3.75
N ILE A 187 10.16 -13.94 2.90
CA ILE A 187 10.49 -14.73 1.72
C ILE A 187 9.85 -14.10 0.48
N LYS A 188 10.46 -14.36 -0.67
CA LYS A 188 9.85 -14.08 -1.96
C LYS A 188 8.52 -14.83 -2.03
N PRO A 189 7.43 -14.17 -2.50
CA PRO A 189 6.09 -14.82 -2.59
C PRO A 189 6.03 -15.78 -3.77
N GLN A 190 6.93 -16.76 -3.79
CA GLN A 190 7.05 -17.65 -4.93
C GLN A 190 6.45 -19.03 -4.68
N TRP A 191 6.11 -19.34 -3.45
CA TRP A 191 5.67 -20.67 -3.08
C TRP A 191 4.29 -20.55 -2.45
N ASP A 192 3.54 -21.65 -2.50
CA ASP A 192 2.20 -21.70 -1.91
C ASP A 192 2.25 -22.17 -0.45
N PHE A 193 1.06 -22.29 0.16
CA PHE A 193 0.96 -22.64 1.60
C PHE A 193 1.49 -24.05 1.86
N ILE A 194 1.25 -24.98 0.94
CA ILE A 194 1.79 -26.34 1.14
C ILE A 194 3.33 -26.31 1.20
N GLU A 195 3.97 -25.62 0.24
CA GLU A 195 5.44 -25.64 0.23
C GLU A 195 6.01 -24.89 1.42
N VAL A 196 5.40 -23.75 1.80
CA VAL A 196 5.91 -23.02 2.95
C VAL A 196 5.74 -23.84 4.23
N ARG A 197 4.61 -24.57 4.38
CA ARG A 197 4.44 -25.39 5.57
C ARG A 197 5.47 -26.54 5.62
N ARG A 198 5.73 -27.18 4.49
CA ARG A 198 6.77 -28.22 4.46
C ARG A 198 8.15 -27.64 4.81
N ALA A 199 8.50 -26.48 4.25
CA ALA A 199 9.76 -25.86 4.65
C ALA A 199 9.81 -25.59 6.16
N GLY A 200 8.67 -25.15 6.76
CA GLY A 200 8.64 -24.97 8.20
C GLY A 200 8.82 -26.28 8.95
N ILE A 201 8.25 -27.35 8.42
CA ILE A 201 8.40 -28.67 9.05
C ILE A 201 9.87 -29.11 9.05
N ALA A 202 10.56 -28.93 7.92
CA ALA A 202 11.97 -29.33 7.87
C ALA A 202 12.84 -28.46 8.82
N LEU A 203 12.60 -27.14 8.83
CA LEU A 203 13.29 -26.30 9.81
C LEU A 203 13.03 -26.77 11.24
N ALA A 204 11.76 -26.97 11.58
CA ALA A 204 11.44 -27.45 12.93
C ALA A 204 12.10 -28.80 13.24
N ARG A 205 12.09 -29.75 12.27
CA ARG A 205 12.72 -31.05 12.49
C ARG A 205 14.22 -30.93 12.75
N GLU A 206 14.88 -30.00 12.05
CA GLU A 206 16.31 -29.84 12.28
C GLU A 206 16.58 -29.29 13.68
N VAL A 207 15.79 -28.28 14.08
CA VAL A 207 15.92 -27.74 15.43
C VAL A 207 15.73 -28.84 16.46
N GLU A 208 14.72 -29.70 16.22
CA GLU A 208 14.44 -30.79 17.15
C GLU A 208 15.57 -31.83 17.17
N ARG A 209 16.14 -32.18 16.02
CA ARG A 209 17.25 -33.13 16.02
C ARG A 209 18.43 -32.61 16.84
N ARG A 210 18.65 -31.30 16.84
CA ARG A 210 19.80 -30.74 17.55
C ARG A 210 19.55 -30.53 19.02
N ALA A 211 18.31 -30.63 19.49
CA ALA A 211 18.03 -30.40 20.91
C ALA A 211 16.88 -31.31 21.34
N PRO A 212 17.08 -32.62 21.26
CA PRO A 212 15.92 -33.53 21.33
C PRO A 212 15.32 -33.63 22.71
N ASP A 213 16.07 -33.30 23.76
CA ASP A 213 15.55 -33.30 25.11
C ASP A 213 14.77 -32.01 25.41
N ALA A 214 14.96 -30.98 24.60
CA ALA A 214 14.39 -29.68 24.88
C ALA A 214 13.23 -29.31 23.96
N VAL A 215 13.14 -29.93 22.78
CA VAL A 215 12.29 -29.50 21.67
C VAL A 215 11.53 -30.70 21.12
N THR A 216 10.25 -30.48 20.75
CA THR A 216 9.42 -31.52 20.17
C THR A 216 8.69 -30.94 18.97
N THR A 217 8.43 -31.79 17.96
CA THR A 217 7.52 -31.42 16.88
C THR A 217 6.25 -32.26 16.87
N SER A 218 5.98 -33.03 17.93
CA SER A 218 4.82 -33.93 17.92
C SER A 218 3.51 -33.14 18.05
N TRP A 219 2.64 -33.25 17.04
CA TRP A 219 1.31 -32.64 17.11
C TRP A 219 0.51 -33.18 18.28
N TRP A 220 0.69 -34.47 18.61
CA TRP A 220 -0.06 -35.12 19.68
C TRP A 220 0.53 -34.77 21.03
N LYS A 221 -0.31 -34.18 21.90
CA LYS A 221 0.14 -33.77 23.23
C LYS A 221 0.74 -34.92 24.01
N GLU A 222 0.22 -36.13 23.85
CA GLU A 222 0.79 -37.26 24.57
C GLU A 222 2.29 -37.46 24.33
N GLU A 223 2.82 -37.17 23.13
CA GLU A 223 4.23 -37.46 22.87
C GLU A 223 5.15 -36.27 23.05
N ARG A 224 4.61 -35.12 23.47
CA ARG A 224 5.38 -33.88 23.53
C ARG A 224 6.31 -33.82 24.75
N GLY A 225 5.84 -34.23 25.93
CA GLY A 225 6.70 -34.13 27.12
C GLY A 225 6.88 -32.70 27.63
N GLU A 226 7.87 -32.54 28.51
CA GLU A 226 8.19 -31.23 29.06
C GLU A 226 9.23 -30.56 28.16
N ARG A 227 8.77 -30.24 26.95
CA ARG A 227 9.63 -29.73 25.89
C ARG A 227 8.98 -28.51 25.27
N LEU A 228 9.78 -27.78 24.48
CA LEU A 228 9.25 -26.68 23.69
C LEU A 228 8.67 -27.23 22.40
N PHE A 229 7.38 -26.97 22.11
CA PHE A 229 6.75 -27.46 20.88
C PHE A 229 6.86 -26.43 19.76
N ILE A 230 7.37 -26.86 18.62
CA ILE A 230 7.41 -26.03 17.43
C ILE A 230 6.17 -26.35 16.61
N ASP A 231 5.23 -25.41 16.61
CA ASP A 231 3.90 -25.66 16.05
C ASP A 231 3.97 -25.40 14.56
N TYR A 232 4.31 -26.47 13.83
CA TYR A 232 4.53 -26.40 12.38
C TYR A 232 3.22 -26.13 11.62
N ASN A 233 2.08 -26.50 12.19
CA ASN A 233 0.83 -26.21 11.48
C ASN A 233 0.49 -24.72 11.47
N GLN A 234 1.21 -23.89 12.20
CA GLN A 234 0.88 -22.49 12.05
C GLN A 234 1.32 -21.95 10.69
N ASN A 235 1.97 -22.74 9.81
CA ASN A 235 2.20 -22.25 8.46
C ASN A 235 1.15 -22.75 7.46
N ALA A 236 0.09 -23.38 7.93
CA ALA A 236 -0.99 -23.76 7.03
C ALA A 236 -1.84 -22.55 6.60
N ARG A 237 -2.63 -22.74 5.55
CA ARG A 237 -3.67 -21.79 5.18
C ARG A 237 -4.74 -21.65 6.28
N ASP A 238 -5.23 -20.43 6.49
CA ASP A 238 -6.22 -20.14 7.54
C ASP A 238 -5.61 -20.33 8.94
N ARG A 239 -4.32 -19.98 9.09
CA ARG A 239 -3.64 -19.91 10.38
C ARG A 239 -2.96 -18.54 10.50
N THR A 240 -3.14 -17.87 11.62
CA THR A 240 -2.64 -16.52 11.83
C THR A 240 -1.66 -16.50 13.00
N PHE A 241 -0.97 -15.39 13.17
CA PHE A 241 -0.24 -15.07 14.38
C PHE A 241 -0.70 -13.72 14.87
N ALA A 242 -0.80 -13.56 16.19
CA ALA A 242 -0.93 -12.22 16.74
C ALA A 242 0.16 -11.30 16.13
N SER A 243 -0.21 -10.08 15.78
CA SER A 243 0.73 -9.23 15.09
C SER A 243 1.76 -8.63 16.05
N ALA A 244 2.91 -8.27 15.47
CA ALA A 244 3.84 -7.43 16.17
C ALA A 244 3.07 -6.20 16.67
N TYR A 245 3.33 -5.82 17.92
CA TYR A 245 2.79 -4.63 18.59
C TYR A 245 1.33 -4.77 18.97
N SER A 246 0.67 -5.91 18.71
CA SER A 246 -0.66 -6.14 19.28
C SER A 246 -0.58 -6.35 20.78
N VAL A 247 -1.57 -5.79 21.47
CA VAL A 247 -1.89 -6.16 22.85
C VAL A 247 -2.51 -7.55 22.83
N ARG A 248 -2.35 -8.28 23.92
CA ARG A 248 -2.91 -9.60 24.14
C ARG A 248 -3.92 -9.55 25.28
N LYS A 249 -4.78 -10.55 25.31
CA LYS A 249 -5.75 -10.67 26.37
C LYS A 249 -5.19 -11.25 27.66
N THR A 250 -4.02 -10.87 28.07
CA THR A 250 -3.49 -11.20 29.40
C THR A 250 -3.91 -10.15 30.44
N PRO A 251 -3.89 -10.49 31.71
CA PRO A 251 -4.40 -9.52 32.71
C PRO A 251 -3.62 -8.21 32.72
N ILE A 252 -2.32 -8.19 32.42
CA ILE A 252 -1.54 -6.94 32.45
C ILE A 252 -1.42 -6.30 31.07
N ALA A 253 -2.18 -6.77 30.07
CA ALA A 253 -2.15 -6.21 28.72
C ALA A 253 -0.73 -6.20 28.13
N THR A 254 -0.09 -7.39 28.15
CA THR A 254 1.20 -7.56 27.49
C THR A 254 1.07 -7.27 26.00
N VAL A 255 2.20 -6.97 25.38
CA VAL A 255 2.28 -6.64 23.96
C VAL A 255 3.26 -7.60 23.30
N SER A 256 2.91 -8.06 22.11
CA SER A 256 3.84 -8.83 21.31
C SER A 256 4.97 -7.93 20.80
N MET A 257 6.18 -8.12 21.32
CA MET A 257 7.23 -7.11 21.19
C MET A 257 8.37 -7.54 20.27
N PRO A 258 8.57 -6.90 19.12
CA PRO A 258 9.78 -7.21 18.32
C PRO A 258 11.06 -6.93 19.11
N LEU A 259 12.02 -7.85 19.04
CA LEU A 259 13.29 -7.70 19.73
C LEU A 259 14.43 -8.01 18.77
N SER A 260 15.64 -7.63 19.16
CA SER A 260 16.84 -8.18 18.53
C SER A 260 17.23 -9.50 19.20
N TRP A 261 18.04 -10.30 18.50
CA TRP A 261 18.49 -11.57 19.08
C TRP A 261 19.20 -11.34 20.40
N ASP A 262 20.02 -10.30 20.43
CA ASP A 262 20.72 -9.91 21.64
C ASP A 262 19.77 -9.58 22.77
N GLU A 263 18.70 -8.80 22.48
CA GLU A 263 17.68 -8.50 23.49
C GLU A 263 16.95 -9.76 23.91
N LEU A 264 16.60 -10.62 22.95
CA LEU A 264 15.76 -11.76 23.31
C LEU A 264 16.47 -12.65 24.32
N ARG A 265 17.80 -12.71 24.25
CA ARG A 265 18.51 -13.62 25.16
C ARG A 265 18.14 -13.41 26.62
N ASN A 266 17.82 -12.18 27.03
CA ASN A 266 17.54 -11.86 28.42
C ASN A 266 16.14 -11.30 28.64
N ALA A 267 15.22 -11.50 27.70
CA ALA A 267 13.95 -10.82 27.77
C ALA A 267 13.01 -11.46 28.81
N ASP A 268 12.09 -10.65 29.31
CA ASP A 268 10.97 -11.10 30.11
C ASP A 268 9.75 -10.49 29.43
N PRO A 269 8.81 -11.30 28.93
CA PRO A 269 7.70 -10.72 28.16
C PRO A 269 6.79 -9.79 28.98
N ASP A 270 6.77 -9.90 30.30
CA ASP A 270 5.92 -9.05 31.12
C ASP A 270 6.43 -7.61 31.19
N ASP A 271 7.65 -7.37 30.69
CA ASP A 271 8.17 -6.02 30.59
C ASP A 271 7.48 -5.20 29.50
N TYR A 272 6.86 -5.87 28.51
CA TYR A 272 6.29 -5.19 27.34
C TYR A 272 4.78 -5.25 27.45
N THR A 273 4.20 -4.10 27.75
CA THR A 273 2.80 -3.92 28.07
C THR A 273 2.26 -2.72 27.29
N MET A 274 0.94 -2.65 27.13
CA MET A 274 0.40 -1.45 26.48
C MET A 274 0.72 -0.21 27.29
N ASN A 275 1.07 -0.36 28.56
CA ASN A 275 1.48 0.76 29.38
C ASN A 275 2.98 1.10 29.26
N THR A 276 3.84 0.13 28.97
CA THR A 276 5.28 0.40 28.94
C THR A 276 5.84 0.59 27.52
N VAL A 277 5.17 0.08 26.49
CA VAL A 277 5.86 -0.10 25.23
C VAL A 277 6.19 1.22 24.56
N PRO A 278 5.29 2.21 24.49
CA PRO A 278 5.65 3.44 23.79
C PRO A 278 6.91 4.10 24.35
N ASP A 279 7.08 4.12 25.68
CA ASP A 279 8.30 4.69 26.25
C ASP A 279 9.52 3.84 25.91
N LEU A 280 9.38 2.51 25.89
CA LEU A 280 10.50 1.67 25.50
C LEU A 280 10.89 1.90 24.06
N LEU A 281 9.92 2.11 23.16
CA LEU A 281 10.29 2.30 21.75
C LEU A 281 11.09 3.58 21.53
N ALA A 282 10.82 4.64 22.30
CA ALA A 282 11.57 5.88 22.18
C ALA A 282 13.01 5.68 22.64
N GLY A 283 13.93 6.33 21.93
CA GLY A 283 15.37 6.21 22.15
C GLY A 283 15.98 4.86 21.82
N ARG A 284 15.27 4.01 21.06
CA ARG A 284 15.74 2.69 20.68
C ARG A 284 15.49 2.45 19.20
N ASP A 285 16.52 2.02 18.47
CA ASP A 285 16.35 1.67 17.06
C ASP A 285 15.46 0.45 16.92
N ASP A 286 14.65 0.45 15.87
CA ASP A 286 13.79 -0.68 15.52
C ASP A 286 14.62 -1.93 15.21
N PRO A 287 14.53 -2.99 16.04
CA PRO A 287 15.32 -4.20 15.72
C PRO A 287 14.86 -4.92 14.44
N TRP A 288 13.65 -4.68 13.96
CA TRP A 288 13.19 -5.26 12.70
C TRP A 288 13.27 -4.27 11.54
N ALA A 289 14.06 -3.20 11.67
CA ALA A 289 14.14 -2.19 10.61
C ALA A 289 14.38 -2.81 9.24
N ASP A 290 15.16 -3.88 9.16
CA ASP A 290 15.62 -4.39 7.86
C ASP A 290 14.84 -5.60 7.35
N ILE A 291 13.71 -5.98 7.99
CA ILE A 291 13.07 -7.25 7.61
C ILE A 291 12.67 -7.26 6.14
N ASP A 292 12.31 -6.11 5.57
CA ASP A 292 11.85 -6.07 4.18
C ASP A 292 12.98 -5.89 3.16
N SER A 293 14.22 -5.65 3.60
CA SER A 293 15.32 -5.39 2.68
C SER A 293 15.80 -6.63 1.91
N VAL A 294 15.53 -7.85 2.39
CA VAL A 294 15.92 -9.07 1.68
C VAL A 294 14.69 -9.97 1.57
N GLN A 295 14.25 -10.23 0.35
CA GLN A 295 13.21 -11.22 0.10
C GLN A 295 13.88 -12.55 -0.14
N GLN A 296 13.88 -13.42 0.88
CA GLN A 296 14.74 -14.60 0.85
C GLN A 296 14.13 -15.75 0.05
N SER A 297 15.01 -16.62 -0.44
CA SER A 297 14.59 -17.83 -1.11
C SER A 297 14.32 -18.94 -0.10
N LEU A 298 13.38 -19.80 -0.45
CA LEU A 298 13.05 -20.98 0.33
C LEU A 298 13.96 -22.17 0.01
N GLY A 299 14.82 -22.04 -1.01
CA GLY A 299 15.71 -23.09 -1.44
C GLY A 299 16.40 -23.88 -0.33
N PRO A 300 17.12 -23.22 0.59
CA PRO A 300 17.86 -24.00 1.63
C PRO A 300 16.95 -24.86 2.49
N LEU A 301 15.74 -24.36 2.79
CA LEU A 301 14.80 -25.16 3.56
C LEU A 301 14.22 -26.28 2.70
N LEU A 302 13.92 -26.00 1.43
CA LEU A 302 13.39 -27.06 0.57
C LEU A 302 14.41 -28.19 0.36
N ASP A 303 15.70 -27.85 0.39
CA ASP A 303 16.73 -28.90 0.43
C ASP A 303 16.68 -29.69 1.72
N LEU A 304 16.43 -29.03 2.87
CA LEU A 304 16.21 -29.81 4.08
C LEU A 304 15.04 -30.76 3.90
N VAL A 305 13.97 -30.30 3.22
CA VAL A 305 12.81 -31.17 3.00
C VAL A 305 13.21 -32.42 2.23
N ALA A 306 13.96 -32.21 1.15
CA ALA A 306 14.39 -33.33 0.31
C ALA A 306 15.27 -34.30 1.10
N ALA A 307 16.14 -33.75 1.96
CA ALA A 307 17.01 -34.63 2.73
C ALA A 307 16.23 -35.42 3.80
N ASP A 308 15.21 -34.82 4.43
CA ASP A 308 14.36 -35.60 5.32
C ASP A 308 13.65 -36.71 4.53
N GLU A 309 13.20 -36.41 3.30
CA GLU A 309 12.59 -37.44 2.47
C GLU A 309 13.55 -38.61 2.24
N GLU A 310 14.85 -38.30 2.01
CA GLU A 310 15.84 -39.38 1.84
C GLU A 310 15.92 -40.28 3.05
N ARG A 311 15.72 -39.74 4.25
CA ARG A 311 15.71 -40.51 5.49
C ARG A 311 14.33 -41.07 5.82
N GLY A 312 13.37 -41.01 4.89
CA GLY A 312 12.04 -41.58 5.10
C GLY A 312 11.02 -40.69 5.79
N LEU A 313 11.33 -39.42 6.06
CA LEU A 313 10.41 -38.53 6.76
C LEU A 313 9.66 -37.68 5.74
N GLY A 314 8.33 -37.78 5.76
CA GLY A 314 7.48 -37.04 4.84
C GLY A 314 6.59 -36.00 5.52
N ASP A 315 5.34 -35.86 5.06
CA ASP A 315 4.42 -34.87 5.61
C ASP A 315 3.91 -35.29 6.99
N LEU A 316 3.29 -34.32 7.72
CA LEU A 316 2.80 -34.48 9.09
C LEU A 316 1.32 -34.16 9.18
N PRO A 317 0.63 -34.53 10.26
CA PRO A 317 -0.82 -34.29 10.36
C PRO A 317 -1.18 -32.81 10.39
N TYR A 318 -2.34 -32.49 9.81
CA TYR A 318 -2.97 -31.17 9.91
C TYR A 318 -3.89 -31.12 11.11
N PRO A 319 -4.37 -29.93 11.47
CA PRO A 319 -5.24 -29.79 12.66
C PRO A 319 -6.66 -30.28 12.39
N PRO A 320 -7.50 -30.32 13.40
CA PRO A 320 -8.93 -30.58 13.15
C PRO A 320 -9.52 -29.55 12.21
N ASN A 321 -10.54 -29.98 11.47
CA ASN A 321 -11.40 -29.15 10.60
C ASN A 321 -10.77 -28.85 9.25
N TYR A 322 -9.56 -29.30 8.98
CA TYR A 322 -8.97 -29.25 7.64
C TYR A 322 -9.43 -30.45 6.84
N PRO A 323 -9.66 -30.30 5.55
CA PRO A 323 -9.92 -31.47 4.73
C PRO A 323 -8.67 -32.32 4.71
N LYS A 324 -8.83 -33.62 4.47
CA LYS A 324 -7.67 -34.49 4.32
C LYS A 324 -6.78 -33.95 3.19
N MET A 325 -5.52 -33.75 3.49
CA MET A 325 -4.64 -33.15 2.48
C MET A 325 -3.90 -34.21 1.65
N PRO A 326 -3.54 -33.90 0.41
CA PRO A 326 -2.76 -34.84 -0.41
C PRO A 326 -1.43 -35.15 0.25
N GLY A 327 -1.14 -36.45 0.43
CA GLY A 327 0.06 -36.92 1.08
C GLY A 327 0.04 -36.85 2.60
N GLU A 328 -1.02 -36.30 3.20
CA GLU A 328 -1.05 -36.22 4.64
C GLU A 328 -1.12 -37.63 5.22
N PRO A 329 -0.33 -37.93 6.25
CA PRO A 329 -0.43 -39.22 6.90
C PRO A 329 -1.71 -39.30 7.73
N PRO A 330 -2.03 -40.48 8.27
CA PRO A 330 -3.26 -40.61 9.08
C PRO A 330 -3.35 -39.59 10.20
N ARG A 331 -4.47 -38.85 10.25
CA ARG A 331 -4.59 -37.75 11.21
C ARG A 331 -5.11 -38.31 12.54
N VAL A 332 -4.23 -39.08 13.19
CA VAL A 332 -4.53 -39.71 14.47
C VAL A 332 -3.21 -39.95 15.19
N GLN A 333 -3.26 -40.04 16.51
CA GLN A 333 -2.04 -40.38 17.25
C GLN A 333 -1.61 -41.82 16.96
N PRO A 334 -0.33 -42.09 16.72
CA PRO A 334 0.08 -43.44 16.26
C PRO A 334 0.08 -44.54 17.31
N SER A 335 0.68 -45.69 16.91
CA SER A 335 0.93 -46.94 17.65
C SER A 335 0.20 -47.10 18.99
N LYS A 336 -1.00 -47.69 18.97
CA LYS A 336 -1.75 -47.93 20.18
C LYS A 336 -1.21 -49.18 20.88
N SER E 4 -9.44 -18.01 -30.95
CA SER E 4 -10.28 -17.01 -30.31
C SER E 4 -10.99 -17.56 -29.06
N ALA E 5 -10.45 -17.19 -27.89
CA ALA E 5 -10.97 -17.47 -26.54
C ALA E 5 -10.05 -16.77 -25.56
N ALA E 6 -10.57 -16.48 -24.37
CA ALA E 6 -9.76 -15.74 -23.41
C ALA E 6 -8.47 -16.49 -23.08
N THR E 7 -7.45 -15.75 -22.70
CA THR E 7 -6.31 -16.35 -22.02
C THR E 7 -6.15 -15.66 -20.65
N GLU E 8 -5.19 -16.13 -19.88
CA GLU E 8 -4.99 -15.61 -18.53
C GLU E 8 -3.53 -15.20 -18.38
N LEU E 9 -3.28 -13.94 -17.99
CA LEU E 9 -1.92 -13.48 -17.69
C LEU E 9 -1.64 -13.69 -16.22
N ASP E 10 -0.43 -14.10 -15.90
CA ASP E 10 0.01 -14.21 -14.52
C ASP E 10 0.81 -12.95 -14.19
N VAL E 11 0.20 -12.05 -13.41
CA VAL E 11 0.76 -10.74 -13.09
C VAL E 11 1.15 -10.77 -11.61
N ASP E 12 2.43 -11.04 -11.35
CA ASP E 12 2.98 -11.08 -10.00
C ASP E 12 2.07 -11.84 -9.04
N GLY E 13 1.67 -13.05 -9.46
CA GLY E 13 0.87 -13.97 -8.67
C GLY E 13 -0.64 -13.89 -8.87
N VAL E 14 -1.15 -12.86 -9.56
CA VAL E 14 -2.59 -12.68 -9.76
C VAL E 14 -2.94 -13.07 -11.19
N LYS E 15 -4.02 -13.83 -11.37
CA LYS E 15 -4.46 -14.24 -12.70
C LYS E 15 -5.42 -13.20 -13.27
N VAL E 16 -5.10 -12.66 -14.45
CA VAL E 16 -5.88 -11.58 -15.07
C VAL E 16 -6.39 -12.05 -16.41
N ARG E 17 -7.70 -11.95 -16.62
CA ARG E 17 -8.28 -12.32 -17.91
C ARG E 17 -7.82 -11.36 -19.02
N PHE E 18 -7.59 -11.91 -20.21
CA PHE E 18 -7.07 -11.14 -21.34
C PHE E 18 -7.66 -11.61 -22.67
N THR E 19 -8.22 -10.67 -23.45
CA THR E 19 -8.82 -10.99 -24.75
C THR E 19 -8.34 -10.03 -25.84
N ASN E 20 -8.57 -10.44 -27.10
CA ASN E 20 -8.43 -9.64 -28.32
C ASN E 20 -7.03 -9.06 -28.52
N PRO E 21 -6.00 -9.89 -28.50
CA PRO E 21 -4.62 -9.38 -28.62
C PRO E 21 -4.34 -8.65 -29.91
N ASP E 22 -5.01 -9.03 -31.00
CA ASP E 22 -4.73 -8.50 -32.33
C ASP E 22 -5.73 -7.45 -32.76
N LYS E 23 -6.63 -7.03 -31.87
CA LYS E 23 -7.51 -5.92 -32.18
C LYS E 23 -6.68 -4.63 -32.24
N VAL E 24 -6.84 -3.88 -33.34
CA VAL E 24 -6.04 -2.67 -33.56
C VAL E 24 -6.61 -1.53 -32.73
N TYR E 25 -5.77 -0.96 -31.89
CA TYR E 25 -6.12 0.25 -31.20
C TYR E 25 -5.59 1.51 -31.88
N PHE E 26 -4.40 1.43 -32.48
CA PHE E 26 -3.70 2.57 -33.08
C PHE E 26 -3.50 2.28 -34.56
N PRO E 27 -4.45 2.65 -35.41
CA PRO E 27 -4.37 2.23 -36.81
C PRO E 27 -3.10 2.67 -37.50
N LYS E 28 -2.54 3.83 -37.16
CA LYS E 28 -1.37 4.24 -37.91
C LYS E 28 -0.19 3.30 -37.69
N LEU E 29 -0.21 2.53 -36.60
CA LEU E 29 0.89 1.65 -36.26
C LEU E 29 0.64 0.21 -36.71
N GLY E 30 -0.57 -0.09 -37.22
CA GLY E 30 -0.84 -1.43 -37.72
C GLY E 30 -0.53 -2.51 -36.70
N LYS E 31 0.23 -3.52 -37.15
CA LYS E 31 0.55 -4.65 -36.29
C LYS E 31 1.23 -4.23 -34.99
N ASN E 32 1.78 -3.01 -34.94
CA ASN E 32 2.42 -2.53 -33.73
C ASN E 32 1.51 -1.66 -32.88
N GLY E 33 0.22 -1.59 -33.21
CA GLY E 33 -0.74 -0.76 -32.50
C GLY E 33 -1.92 -1.53 -31.92
N THR E 34 -1.71 -2.81 -31.64
CA THR E 34 -2.81 -3.64 -31.19
C THR E 34 -2.98 -3.54 -29.69
N LYS E 35 -4.15 -4.02 -29.24
CA LYS E 35 -4.39 -4.14 -27.81
C LYS E 35 -3.30 -4.97 -27.14
N GLY E 36 -2.84 -6.03 -27.81
CA GLY E 36 -1.79 -6.85 -27.25
C GLY E 36 -0.49 -6.09 -27.08
N LYS E 37 -0.15 -5.24 -28.05
CA LYS E 37 1.05 -4.43 -27.89
C LYS E 37 0.89 -3.45 -26.71
N LEU E 38 -0.32 -2.91 -26.53
CA LEU E 38 -0.58 -2.06 -25.38
C LEU E 38 -0.38 -2.82 -24.06
N VAL E 39 -0.93 -4.04 -23.98
CA VAL E 39 -0.84 -4.82 -22.74
C VAL E 39 0.61 -5.25 -22.49
N GLU E 40 1.34 -5.57 -23.54
CA GLU E 40 2.76 -5.88 -23.42
C GLU E 40 3.54 -4.66 -22.87
N TYR E 41 3.25 -3.47 -23.36
CA TYR E 41 3.86 -2.28 -22.77
C TYR E 41 3.54 -2.17 -21.27
N TYR E 42 2.24 -2.22 -20.93
CA TYR E 42 1.87 -2.04 -19.52
C TYR E 42 2.46 -3.13 -18.62
N LEU E 43 2.60 -4.36 -19.13
CA LEU E 43 3.27 -5.39 -18.37
C LEU E 43 4.72 -5.05 -18.11
N SER E 44 5.40 -4.39 -19.06
CA SER E 44 6.81 -4.08 -18.77
C SER E 44 6.94 -2.94 -17.77
N VAL E 45 5.95 -2.05 -17.67
CA VAL E 45 6.12 -0.91 -16.76
C VAL E 45 5.29 -1.01 -15.49
N ALA E 46 4.31 -1.93 -15.42
CA ALA E 46 3.33 -1.95 -14.35
C ALA E 46 3.91 -2.41 -13.00
N SER E 47 5.00 -3.17 -12.99
CA SER E 47 5.55 -3.57 -11.70
C SER E 47 6.63 -2.61 -11.21
N GLY E 48 6.97 -1.58 -12.00
CA GLY E 48 8.07 -0.70 -11.70
C GLY E 48 7.65 0.69 -11.24
N PRO E 49 8.32 1.71 -11.77
CA PRO E 49 8.08 3.07 -11.27
C PRO E 49 6.66 3.55 -11.51
N MET E 50 5.98 3.04 -12.55
CA MET E 50 4.59 3.41 -12.72
C MET E 50 3.77 3.07 -11.47
N LEU E 51 3.97 1.85 -10.94
CA LEU E 51 3.20 1.44 -9.77
C LEU E 51 3.54 2.33 -8.57
N ALA E 52 4.82 2.56 -8.34
CA ALA E 52 5.21 3.38 -7.19
C ALA E 52 4.55 4.77 -7.25
N LEU E 53 4.48 5.37 -8.45
CA LEU E 53 3.84 6.68 -8.56
C LEU E 53 2.32 6.61 -8.40
N LEU E 54 1.66 5.52 -8.84
CA LEU E 54 0.20 5.43 -8.73
C LEU E 54 -0.28 4.81 -7.43
N ARG E 55 0.63 4.32 -6.59
CA ARG E 55 0.23 3.45 -5.49
C ARG E 55 -0.76 4.15 -4.57
N ASP E 56 -1.91 3.50 -4.32
CA ASP E 56 -2.99 3.98 -3.47
C ASP E 56 -3.71 5.19 -4.04
N ARG E 57 -3.50 5.52 -5.32
CA ARG E 57 -4.27 6.61 -5.89
C ARG E 57 -5.56 6.10 -6.54
N PRO E 58 -6.64 6.83 -6.36
CA PRO E 58 -7.82 6.65 -7.22
C PRO E 58 -7.56 7.20 -8.61
N VAL E 59 -8.00 6.45 -9.62
CA VAL E 59 -7.77 6.83 -11.01
C VAL E 59 -9.08 6.78 -11.78
N HIS E 60 -9.18 7.62 -12.79
CA HIS E 60 -10.20 7.44 -13.82
C HIS E 60 -9.57 6.73 -15.00
N LEU E 61 -10.41 6.04 -15.76
CA LEU E 61 -9.99 5.30 -16.95
C LEU E 61 -10.43 6.06 -18.18
N GLN E 62 -9.58 6.11 -19.20
CA GLN E 62 -9.97 6.65 -20.49
C GLN E 62 -9.92 5.46 -21.42
N ARG E 63 -11.08 4.91 -21.77
CA ARG E 63 -11.16 3.65 -22.49
C ARG E 63 -11.51 3.86 -23.96
N PHE E 64 -10.92 3.03 -24.82
CA PHE E 64 -11.24 2.98 -26.24
C PHE E 64 -11.41 1.51 -26.64
N PRO E 65 -12.54 0.90 -26.27
CA PRO E 65 -12.75 -0.53 -26.58
C PRO E 65 -12.72 -0.83 -28.06
N ASP E 66 -12.93 0.18 -28.91
CA ASP E 66 -12.87 0.04 -30.36
C ASP E 66 -11.67 0.76 -30.97
N GLY E 67 -10.62 1.02 -30.20
CA GLY E 67 -9.48 1.74 -30.69
C GLY E 67 -9.70 3.24 -30.65
N ILE E 68 -8.61 3.99 -30.87
CA ILE E 68 -8.66 5.43 -30.60
C ILE E 68 -9.51 6.18 -31.60
N GLU E 69 -9.83 5.54 -32.72
CA GLU E 69 -10.74 6.09 -33.72
C GLU E 69 -12.19 5.77 -33.43
N GLY E 70 -12.47 4.88 -32.47
CA GLY E 70 -13.82 4.62 -32.02
C GLY E 70 -14.21 5.51 -30.86
N GLU E 71 -15.29 5.15 -30.19
CA GLU E 71 -15.83 6.01 -29.14
C GLU E 71 -14.93 6.04 -27.90
N GLU E 72 -14.82 7.23 -27.31
CA GLU E 72 -14.04 7.42 -26.09
C GLU E 72 -14.96 7.35 -24.88
N ILE E 73 -14.62 6.48 -23.93
CA ILE E 73 -15.42 6.27 -22.73
C ILE E 73 -14.56 6.61 -21.52
N TYR E 74 -14.79 7.78 -20.95
CA TYR E 74 -14.25 8.07 -19.63
C TYR E 74 -15.04 7.29 -18.60
N GLN E 75 -14.35 6.82 -17.56
CA GLN E 75 -15.00 6.02 -16.55
C GLN E 75 -14.41 6.35 -15.21
N LYS E 76 -15.28 6.75 -14.25
CA LYS E 76 -14.84 7.06 -12.90
C LYS E 76 -15.21 6.01 -11.87
N ARG E 77 -16.23 5.20 -12.13
CA ARG E 77 -16.70 4.17 -11.20
C ARG E 77 -16.28 2.79 -11.66
N VAL E 78 -15.80 2.00 -10.74
CA VAL E 78 -15.69 0.57 -11.01
C VAL E 78 -17.07 -0.06 -10.80
N PRO E 79 -17.51 -0.94 -11.70
CA PRO E 79 -18.77 -1.67 -11.46
C PRO E 79 -18.74 -2.41 -10.13
N GLN E 80 -19.90 -2.48 -9.50
CA GLN E 80 -20.01 -3.18 -8.21
C GLN E 80 -19.55 -4.63 -8.31
N LYS E 81 -19.72 -5.25 -9.47
CA LYS E 81 -19.27 -6.62 -9.70
C LYS E 81 -17.94 -6.54 -10.43
N HIS E 82 -16.87 -6.97 -9.77
CA HIS E 82 -15.53 -6.83 -10.32
C HIS E 82 -14.65 -7.91 -9.73
N PRO E 83 -13.51 -8.18 -10.34
CA PRO E 83 -12.64 -9.25 -9.85
C PRO E 83 -12.15 -8.99 -8.43
N ASP E 84 -11.94 -10.09 -7.70
CA ASP E 84 -11.54 -10.06 -6.28
C ASP E 84 -10.22 -9.34 -6.05
N TYR E 85 -9.29 -9.36 -7.01
CA TYR E 85 -8.03 -8.68 -6.80
C TYR E 85 -8.10 -7.17 -6.97
N LEU E 86 -9.24 -6.61 -7.39
CA LEU E 86 -9.35 -5.15 -7.57
C LEU E 86 -9.77 -4.47 -6.28
N GLU E 87 -9.18 -3.31 -6.01
CA GLU E 87 -9.43 -2.49 -4.84
C GLU E 87 -10.05 -1.15 -5.27
N THR E 88 -10.97 -0.64 -4.47
CA THR E 88 -11.69 0.58 -4.81
C THR E 88 -11.62 1.56 -3.64
N CYS E 89 -11.83 2.85 -3.90
CA CYS E 89 -11.98 3.79 -2.77
C CYS E 89 -12.91 4.89 -3.18
N VAL E 90 -13.53 5.53 -2.20
CA VAL E 90 -14.55 6.53 -2.45
C VAL E 90 -13.92 7.91 -2.64
N VAL E 91 -14.26 8.54 -3.77
CA VAL E 91 -13.93 9.94 -4.02
C VAL E 91 -15.23 10.75 -4.04
N THR E 92 -15.11 12.02 -3.66
CA THR E 92 -16.25 12.91 -3.53
C THR E 92 -16.10 14.10 -4.47
N PHE E 93 -17.07 14.29 -5.33
CA PHE E 93 -17.05 15.39 -6.26
C PHE E 93 -17.50 16.67 -5.58
N PRO E 94 -17.24 17.81 -6.20
CA PRO E 94 -17.65 19.09 -5.60
C PRO E 94 -19.13 19.16 -5.29
N SER E 95 -19.96 18.42 -6.02
CA SER E 95 -21.40 18.42 -5.82
C SER E 95 -21.81 17.68 -4.56
N GLY E 96 -20.93 16.81 -4.04
CA GLY E 96 -21.26 15.89 -2.97
C GLY E 96 -21.56 14.48 -3.44
N ARG E 97 -21.83 14.27 -4.73
CA ARG E 97 -22.00 12.92 -5.23
C ARG E 97 -20.66 12.18 -5.16
N THR E 98 -20.69 10.85 -5.16
CA THR E 98 -19.50 10.04 -4.89
C THR E 98 -19.30 9.00 -5.98
N ALA E 99 -18.09 8.42 -5.99
CA ALA E 99 -17.72 7.39 -6.96
C ALA E 99 -16.78 6.39 -6.29
N ASP E 100 -17.02 5.10 -6.57
CA ASP E 100 -16.11 4.00 -6.23
C ASP E 100 -15.05 3.91 -7.31
N ALA E 101 -13.99 4.68 -7.18
CA ALA E 101 -12.97 4.72 -8.22
C ALA E 101 -11.97 3.59 -7.99
N LEU E 102 -11.34 3.15 -9.08
CA LEU E 102 -10.25 2.18 -9.00
C LEU E 102 -9.10 2.74 -8.19
N LYS E 103 -8.59 1.95 -7.26
CA LYS E 103 -7.43 2.30 -6.46
C LYS E 103 -6.27 1.44 -6.94
N ILE E 104 -5.19 2.05 -7.39
CA ILE E 104 -4.08 1.25 -7.89
C ILE E 104 -3.31 0.72 -6.70
N THR E 105 -3.38 -0.60 -6.49
CA THR E 105 -2.73 -1.22 -5.35
C THR E 105 -1.65 -2.23 -5.72
N HIS E 106 -1.56 -2.62 -6.99
CA HIS E 106 -0.84 -3.80 -7.44
C HIS E 106 -0.80 -3.75 -8.96
N PRO E 107 0.20 -4.33 -9.60
CA PRO E 107 0.27 -4.24 -11.08
C PRO E 107 -0.96 -4.82 -11.77
N SER E 108 -1.64 -5.79 -11.16
CA SER E 108 -2.87 -6.33 -11.74
C SER E 108 -3.95 -5.26 -11.90
N SER E 109 -3.97 -4.22 -11.07
CA SER E 109 -4.91 -3.11 -11.28
C SER E 109 -4.71 -2.51 -12.67
N ILE E 110 -3.47 -2.24 -13.03
CA ILE E 110 -3.14 -1.65 -14.32
C ILE E 110 -3.46 -2.61 -15.45
N ILE E 111 -3.12 -3.89 -15.28
CA ILE E 111 -3.33 -4.82 -16.39
C ILE E 111 -4.82 -5.03 -16.63
N TRP E 112 -5.62 -5.14 -15.56
CA TRP E 112 -7.07 -5.22 -15.73
C TRP E 112 -7.60 -3.98 -16.45
N ALA E 113 -7.14 -2.79 -16.03
CA ALA E 113 -7.56 -1.58 -16.73
C ALA E 113 -7.28 -1.70 -18.23
N ALA E 114 -6.10 -2.19 -18.59
CA ALA E 114 -5.80 -2.31 -20.00
C ALA E 114 -6.70 -3.33 -20.69
N GLN E 115 -6.93 -4.49 -20.06
CA GLN E 115 -7.87 -5.45 -20.65
C GLN E 115 -9.24 -4.80 -20.90
N MET E 116 -9.65 -3.83 -20.07
CA MET E 116 -10.92 -3.12 -20.23
C MET E 116 -10.89 -2.09 -21.37
N GLY E 117 -9.77 -2.00 -22.08
CA GLY E 117 -9.60 -1.03 -23.12
C GLY E 117 -9.00 0.29 -22.67
N THR E 118 -8.48 0.37 -21.46
CA THR E 118 -7.95 1.64 -20.97
C THR E 118 -6.67 1.99 -21.68
N VAL E 119 -6.67 3.11 -22.42
CA VAL E 119 -5.40 3.58 -22.96
C VAL E 119 -4.65 4.40 -21.91
N THR E 120 -5.37 5.24 -21.15
CA THR E 120 -4.74 6.19 -20.24
C THR E 120 -5.38 6.09 -18.86
N LEU E 121 -4.53 6.03 -17.83
CA LEU E 121 -4.92 6.15 -16.44
C LEU E 121 -4.80 7.61 -15.98
N HIS E 122 -5.76 8.06 -15.15
CA HIS E 122 -5.87 9.46 -14.75
C HIS E 122 -6.03 9.56 -13.24
N PRO E 123 -4.93 9.58 -12.49
CA PRO E 123 -5.03 9.64 -11.03
C PRO E 123 -5.48 10.99 -10.48
N TRP E 124 -6.24 10.94 -9.38
CA TRP E 124 -6.36 12.11 -8.52
C TRP E 124 -5.02 12.47 -7.85
N GLN E 125 -5.00 13.65 -7.22
CA GLN E 125 -3.82 14.15 -6.51
C GLN E 125 -3.80 13.76 -5.03
N VAL E 126 -4.41 12.64 -4.66
CA VAL E 126 -4.54 12.18 -3.29
C VAL E 126 -4.15 10.73 -3.23
N ARG E 127 -3.88 10.23 -2.01
CA ARG E 127 -3.72 8.81 -1.76
C ARG E 127 -4.88 8.33 -0.88
N CYS E 128 -5.60 7.30 -1.33
CA CYS E 128 -6.60 6.65 -0.47
C CYS E 128 -5.93 6.05 0.77
N PRO E 129 -6.62 6.02 1.92
CA PRO E 129 -8.01 6.50 2.08
C PRO E 129 -8.13 8.00 2.45
N ASP E 130 -7.03 8.74 2.55
CA ASP E 130 -7.08 10.17 2.84
C ASP E 130 -7.39 10.96 1.57
N THR E 131 -8.65 10.82 1.10
CA THR E 131 -9.01 11.39 -0.19
C THR E 131 -9.35 12.87 -0.10
N GLU E 132 -9.29 13.48 1.08
CA GLU E 132 -9.62 14.90 1.22
C GLU E 132 -8.41 15.82 1.23
N HIS E 133 -7.18 15.32 1.20
CA HIS E 133 -5.97 16.12 1.36
C HIS E 133 -4.94 15.72 0.32
N PRO E 134 -4.75 16.54 -0.70
CA PRO E 134 -3.72 16.24 -1.72
C PRO E 134 -2.35 16.08 -1.10
N ASP E 135 -1.59 15.13 -1.64
CA ASP E 135 -0.17 14.98 -1.42
C ASP E 135 0.66 15.41 -2.64
N GLU E 136 0.04 16.09 -3.60
CA GLU E 136 0.74 16.47 -4.81
C GLU E 136 0.14 17.77 -5.34
N LEU E 137 0.97 18.79 -5.56
CA LEU E 137 0.56 19.97 -6.29
C LEU E 137 1.03 19.80 -7.73
N ARG E 138 0.17 20.10 -8.69
CA ARG E 138 0.46 19.76 -10.09
C ARG E 138 0.39 20.99 -10.99
N VAL E 139 1.42 21.17 -11.81
CA VAL E 139 1.56 22.28 -12.75
C VAL E 139 1.33 21.71 -14.14
N ASP E 140 0.33 22.23 -14.82
CA ASP E 140 -0.04 21.78 -16.14
C ASP E 140 0.29 22.87 -17.14
N LEU E 141 1.29 22.64 -18.00
CA LEU E 141 1.73 23.61 -19.00
C LEU E 141 1.16 23.29 -20.38
N ASP E 142 0.32 24.19 -20.88
CA ASP E 142 -0.48 24.00 -22.10
C ASP E 142 -0.13 25.00 -23.16
N PRO E 143 0.64 24.63 -24.17
CA PRO E 143 0.88 25.56 -25.30
C PRO E 143 -0.43 25.90 -26.01
N GLN E 144 -0.66 27.18 -26.21
CA GLN E 144 -1.81 27.66 -26.97
C GLN E 144 -1.47 27.72 -28.44
N PRO E 145 -2.47 27.84 -29.32
CA PRO E 145 -2.19 27.91 -30.76
C PRO E 145 -1.13 28.95 -31.09
N GLY E 146 -0.18 28.56 -31.93
CA GLY E 146 0.97 29.42 -32.18
C GLY E 146 2.17 29.15 -31.28
N THR E 147 2.03 28.27 -30.29
CA THR E 147 3.15 27.81 -29.49
C THR E 147 3.10 26.29 -29.47
N GLY E 148 4.19 25.70 -29.00
CA GLY E 148 4.29 24.24 -28.97
C GLY E 148 5.09 23.74 -27.80
N PHE E 149 5.60 22.50 -27.89
CA PHE E 149 6.35 21.85 -26.82
C PHE E 149 7.61 22.62 -26.46
N LYS E 150 8.30 23.20 -27.44
CA LYS E 150 9.51 23.94 -27.15
C LYS E 150 9.26 25.09 -26.17
N GLU E 151 8.12 25.80 -26.30
CA GLU E 151 7.79 26.83 -25.30
C GLU E 151 7.50 26.21 -23.94
N ALA E 152 6.76 25.09 -23.90
CA ALA E 152 6.53 24.45 -22.62
C ALA E 152 7.85 24.07 -21.95
N ARG E 153 8.78 23.49 -22.71
CA ARG E 153 9.99 23.02 -22.02
C ARG E 153 10.90 24.19 -21.66
N THR E 154 10.95 25.23 -22.50
CA THR E 154 11.72 26.41 -22.17
C THR E 154 11.22 27.06 -20.89
N VAL E 155 9.90 27.29 -20.79
CA VAL E 155 9.40 27.91 -19.57
C VAL E 155 9.64 27.03 -18.36
N ALA E 156 9.41 25.73 -18.49
CA ALA E 156 9.58 24.83 -17.35
C ALA E 156 11.03 24.78 -16.88
N CYS E 157 11.98 24.64 -17.82
CA CYS E 157 13.38 24.49 -17.45
C CYS E 157 14.04 25.81 -17.05
N ASP E 158 13.70 26.92 -17.71
CA ASP E 158 14.47 28.14 -17.52
C ASP E 158 13.76 29.17 -16.65
N VAL E 159 12.51 28.94 -16.31
CA VAL E 159 11.76 29.87 -15.47
C VAL E 159 11.18 29.17 -14.25
N LEU E 160 10.39 28.09 -14.46
CA LEU E 160 9.74 27.46 -13.32
C LEU E 160 10.75 26.80 -12.40
N LYS E 161 11.64 26.00 -12.97
CA LYS E 161 12.65 25.32 -12.17
C LYS E 161 13.49 26.27 -11.32
N PRO E 162 14.07 27.35 -11.87
CA PRO E 162 14.84 28.27 -11.00
C PRO E 162 13.94 28.95 -9.96
N LEU E 163 12.68 29.19 -10.29
CA LEU E 163 11.75 29.71 -9.28
C LEU E 163 11.60 28.74 -8.10
N LEU E 164 11.39 27.46 -8.40
CA LEU E 164 11.31 26.45 -7.34
C LEU E 164 12.62 26.40 -6.54
N ASP E 165 13.77 26.46 -7.23
CA ASP E 165 15.04 26.50 -6.49
C ASP E 165 15.03 27.66 -5.50
N GLU E 166 14.59 28.86 -5.93
CA GLU E 166 14.54 30.01 -5.02
C GLU E 166 13.64 29.73 -3.82
N LEU E 167 12.48 29.11 -4.06
CA LEU E 167 11.52 28.83 -3.00
C LEU E 167 11.93 27.65 -2.13
N GLY E 168 13.04 26.98 -2.42
CA GLY E 168 13.39 25.81 -1.62
C GLY E 168 12.52 24.60 -1.92
N LEU E 169 11.88 24.54 -3.07
CA LEU E 169 11.00 23.44 -3.43
C LEU E 169 11.61 22.60 -4.54
N VAL E 170 11.20 21.33 -4.63
CA VAL E 170 11.68 20.42 -5.67
C VAL E 170 10.50 19.91 -6.46
N GLY E 171 10.59 20.02 -7.79
CA GLY E 171 9.58 19.55 -8.71
C GLY E 171 10.14 18.52 -9.66
N TYR E 172 9.25 17.66 -10.18
CA TYR E 172 9.60 16.55 -11.05
C TYR E 172 8.83 16.71 -12.35
N PRO E 173 9.51 16.81 -13.50
CA PRO E 173 8.82 17.10 -14.76
C PRO E 173 8.55 15.82 -15.56
N LYS E 174 7.50 15.82 -16.38
CA LYS E 174 7.29 14.75 -17.36
C LYS E 174 6.68 15.35 -18.60
N THR E 175 6.99 14.78 -19.76
CA THR E 175 6.17 15.11 -20.92
C THR E 175 4.76 14.59 -20.63
N SER E 176 3.76 15.33 -21.13
CA SER E 176 2.41 14.80 -21.03
C SER E 176 2.17 13.70 -22.05
N GLY E 177 2.94 13.66 -23.12
CA GLY E 177 2.59 12.87 -24.29
C GLY E 177 1.77 13.63 -25.33
N GLY E 178 1.25 14.80 -24.95
CA GLY E 178 0.58 15.69 -25.89
C GLY E 178 1.49 16.85 -26.29
N ARG E 179 0.99 18.09 -26.23
CA ARG E 179 1.74 19.25 -26.64
C ARG E 179 2.66 19.81 -25.56
N GLY E 180 2.42 19.48 -24.29
CA GLY E 180 2.99 20.21 -23.18
C GLY E 180 3.69 19.39 -22.11
N VAL E 181 3.77 19.96 -20.90
CA VAL E 181 4.62 19.41 -19.84
C VAL E 181 3.84 19.44 -18.53
N HIS E 182 4.02 18.41 -17.69
CA HIS E 182 3.51 18.39 -16.32
C HIS E 182 4.68 18.50 -15.33
N VAL E 183 4.47 19.22 -14.23
CA VAL E 183 5.47 19.23 -13.16
C VAL E 183 4.76 18.96 -11.84
N PHE E 184 5.27 18.00 -11.07
CA PHE E 184 4.65 17.56 -9.83
C PHE E 184 5.51 17.92 -8.63
N LEU E 185 4.88 18.38 -7.56
CA LEU E 185 5.53 18.64 -6.29
C LEU E 185 4.87 17.76 -5.22
N ARG E 186 5.68 16.92 -4.55
CA ARG E 186 5.14 16.16 -3.43
C ARG E 186 4.98 17.07 -2.23
N ILE E 187 3.80 17.05 -1.61
CA ILE E 187 3.54 17.88 -0.43
C ILE E 187 2.99 17.03 0.70
N LYS E 188 3.20 17.51 1.94
CA LYS E 188 2.52 16.95 3.11
C LYS E 188 1.01 17.14 2.96
N PRO E 189 0.22 16.14 3.26
CA PRO E 189 -1.24 16.26 3.16
C PRO E 189 -1.85 17.07 4.31
N GLN E 190 -1.44 18.33 4.48
CA GLN E 190 -1.96 19.16 5.57
C GLN E 190 -3.03 20.13 5.10
N TRP E 191 -3.29 20.22 3.79
CA TRP E 191 -4.13 21.26 3.24
C TRP E 191 -5.24 20.64 2.37
N ASP E 192 -6.33 21.37 2.23
CA ASP E 192 -7.42 20.87 1.41
C ASP E 192 -7.26 21.34 -0.06
N PHE E 193 -8.25 21.00 -0.89
CA PHE E 193 -8.17 21.33 -2.31
C PHE E 193 -8.19 22.83 -2.54
N ILE E 194 -8.95 23.56 -1.74
CA ILE E 194 -9.02 25.02 -1.89
C ILE E 194 -7.63 25.61 -1.73
N GLU E 195 -6.96 25.25 -0.64
CA GLU E 195 -5.66 25.83 -0.34
C GLU E 195 -4.61 25.38 -1.34
N VAL E 196 -4.60 24.11 -1.72
CA VAL E 196 -3.61 23.71 -2.71
C VAL E 196 -3.85 24.45 -4.03
N ARG E 197 -5.10 24.63 -4.45
CA ARG E 197 -5.34 25.33 -5.70
C ARG E 197 -4.88 26.80 -5.60
N ARG E 198 -5.12 27.44 -4.45
CA ARG E 198 -4.65 28.82 -4.27
C ARG E 198 -3.13 28.90 -4.35
N ALA E 199 -2.44 27.93 -3.72
CA ALA E 199 -0.98 27.85 -3.84
C ALA E 199 -0.56 27.69 -5.30
N GLY E 200 -1.26 26.83 -6.05
CA GLY E 200 -0.93 26.68 -7.46
C GLY E 200 -1.16 27.97 -8.25
N ILE E 201 -2.20 28.72 -7.88
CA ILE E 201 -2.47 29.97 -8.56
C ILE E 201 -1.33 30.96 -8.32
N ALA E 202 -0.86 31.05 -7.06
CA ALA E 202 0.22 31.99 -6.76
C ALA E 202 1.50 31.61 -7.49
N LEU E 203 1.82 30.31 -7.52
CA LEU E 203 2.96 29.84 -8.31
C LEU E 203 2.83 30.24 -9.78
N ALA E 204 1.64 29.97 -10.36
CA ALA E 204 1.43 30.29 -11.76
C ALA E 204 1.61 31.79 -12.02
N ARG E 205 1.05 32.62 -11.14
CA ARG E 205 1.17 34.06 -11.30
C ARG E 205 2.63 34.50 -11.21
N GLU E 206 3.45 33.86 -10.37
CA GLU E 206 4.85 34.28 -10.31
C GLU E 206 5.60 33.88 -11.59
N VAL E 207 5.31 32.68 -12.12
CA VAL E 207 5.94 32.29 -13.38
C VAL E 207 5.56 33.29 -14.46
N GLU E 208 4.29 33.66 -14.50
CA GLU E 208 3.83 34.63 -15.49
C GLU E 208 4.46 36.02 -15.29
N ARG E 209 4.60 36.45 -14.03
CA ARG E 209 5.22 37.72 -13.72
C ARG E 209 6.66 37.77 -14.25
N ARG E 210 7.38 36.63 -14.19
CA ARG E 210 8.75 36.56 -14.66
C ARG E 210 8.87 36.41 -16.18
N ALA E 211 7.78 36.01 -16.84
CA ALA E 211 7.87 35.81 -18.28
C ALA E 211 6.55 36.23 -18.92
N PRO E 212 6.17 37.50 -18.85
CA PRO E 212 4.79 37.88 -19.24
C PRO E 212 4.50 37.79 -20.72
N ASP E 213 5.54 37.87 -21.58
CA ASP E 213 5.33 37.74 -23.01
C ASP E 213 5.13 36.29 -23.42
N ALA E 214 5.54 35.35 -22.59
CA ALA E 214 5.54 33.95 -22.96
C ALA E 214 4.47 33.12 -22.25
N VAL E 215 3.92 33.59 -21.11
CA VAL E 215 3.13 32.78 -20.19
C VAL E 215 1.84 33.52 -19.86
N THR E 216 0.74 32.78 -19.69
CA THR E 216 -0.54 33.38 -19.31
C THR E 216 -1.18 32.54 -18.21
N THR E 217 -1.95 33.19 -17.32
CA THR E 217 -2.80 32.46 -16.40
C THR E 217 -4.29 32.71 -16.64
N SER E 218 -4.66 33.27 -17.77
CA SER E 218 -6.05 33.63 -18.05
C SER E 218 -6.87 32.41 -18.42
N TRP E 219 -7.89 32.12 -17.59
CA TRP E 219 -8.84 31.05 -17.92
C TRP E 219 -9.53 31.33 -19.24
N TRP E 220 -9.82 32.59 -19.54
CA TRP E 220 -10.55 32.93 -20.75
C TRP E 220 -9.60 32.95 -21.96
N LYS E 221 -9.90 32.12 -22.95
CA LYS E 221 -9.06 31.99 -24.14
C LYS E 221 -8.86 33.32 -24.84
N GLU E 222 -9.90 34.15 -24.84
CA GLU E 222 -9.81 35.43 -25.53
C GLU E 222 -8.59 36.24 -25.08
N GLU E 223 -8.20 36.13 -23.79
CA GLU E 223 -7.09 36.89 -23.22
C GLU E 223 -5.77 36.13 -23.16
N ARG E 224 -5.71 34.88 -23.64
CA ARG E 224 -4.48 34.10 -23.48
C ARG E 224 -3.37 34.55 -24.45
N GLY E 225 -3.72 34.79 -25.72
CA GLY E 225 -2.72 35.12 -26.70
C GLY E 225 -1.91 33.88 -27.08
N GLU E 226 -0.81 34.15 -27.79
CA GLU E 226 0.11 33.10 -28.20
C GLU E 226 1.13 32.89 -27.09
N ARG E 227 0.63 32.32 -26.02
CA ARG E 227 1.41 32.13 -24.82
C ARG E 227 1.19 30.71 -24.32
N LEU E 228 2.07 30.28 -23.45
CA LEU E 228 1.93 29.02 -22.73
C LEU E 228 0.96 29.27 -21.57
N PHE E 229 -0.12 28.49 -21.50
CA PHE E 229 -1.11 28.66 -20.45
C PHE E 229 -0.81 27.71 -19.29
N ILE E 230 -0.77 28.25 -18.08
CA ILE E 230 -0.62 27.45 -16.88
C ILE E 230 -2.01 27.23 -16.32
N ASP E 231 -2.50 25.99 -16.42
CA ASP E 231 -3.91 25.71 -16.10
C ASP E 231 -4.05 25.47 -14.59
N TYR E 232 -4.25 26.57 -13.85
CA TYR E 232 -4.34 26.51 -12.40
C TYR E 232 -5.57 25.71 -11.94
N ASN E 233 -6.61 25.64 -12.78
CA ASN E 233 -7.79 24.91 -12.36
C ASN E 233 -7.55 23.41 -12.29
N GLN E 234 -6.42 22.94 -12.79
CA GLN E 234 -6.11 21.52 -12.63
C GLN E 234 -5.77 21.11 -11.19
N ASN E 235 -5.71 22.03 -10.22
CA ASN E 235 -5.59 21.58 -8.83
C ASN E 235 -6.93 21.58 -8.11
N ALA E 236 -8.04 21.77 -8.82
CA ALA E 236 -9.33 21.66 -8.14
C ALA E 236 -9.68 20.19 -7.85
N ARG E 237 -10.60 20.00 -6.93
CA ARG E 237 -11.22 18.70 -6.70
C ARG E 237 -11.92 18.24 -7.97
N ASP E 238 -11.82 16.93 -8.24
CA ASP E 238 -12.36 16.29 -9.46
C ASP E 238 -11.62 16.73 -10.73
N ARG E 239 -10.30 16.88 -10.66
CA ARG E 239 -9.43 17.12 -11.81
C ARG E 239 -8.25 16.17 -11.72
N THR E 240 -7.94 15.50 -12.82
CA THR E 240 -6.88 14.50 -12.82
C THR E 240 -5.79 14.96 -13.80
N PHE E 241 -4.65 14.26 -13.79
CA PHE E 241 -3.64 14.34 -14.84
C PHE E 241 -3.45 12.93 -15.38
N ALA E 242 -3.22 12.82 -16.69
CA ALA E 242 -2.76 11.55 -17.22
C ALA E 242 -1.56 11.08 -16.41
N SER E 243 -1.51 9.79 -16.08
CA SER E 243 -0.44 9.33 -15.20
C SER E 243 0.91 9.24 -15.91
N ALA E 244 1.97 9.35 -15.10
CA ALA E 244 3.30 8.98 -15.57
C ALA E 244 3.23 7.57 -16.16
N TYR E 245 3.87 7.39 -17.33
CA TYR E 245 3.99 6.12 -18.08
C TYR E 245 2.69 5.68 -18.76
N SER E 246 1.60 6.44 -18.63
CA SER E 246 0.40 6.14 -19.38
C SER E 246 0.63 6.41 -20.86
N VAL E 247 0.07 5.55 -21.67
CA VAL E 247 -0.05 5.82 -23.08
C VAL E 247 -1.12 6.89 -23.31
N ARG E 248 -0.97 7.64 -24.40
CA ARG E 248 -1.95 8.66 -24.75
C ARG E 248 -2.66 8.24 -26.03
N LYS E 249 -3.86 8.80 -26.26
CA LYS E 249 -4.59 8.57 -27.50
C LYS E 249 -4.08 9.44 -28.65
N THR E 250 -2.78 9.58 -28.79
CA THR E 250 -2.18 10.16 -29.98
C THR E 250 -2.01 9.06 -31.02
N PRO E 251 -1.88 9.41 -32.30
CA PRO E 251 -1.82 8.35 -33.33
C PRO E 251 -0.62 7.42 -33.19
N ILE E 252 0.52 7.90 -32.69
CA ILE E 252 1.69 7.05 -32.56
C ILE E 252 1.80 6.45 -31.16
N ALA E 253 0.77 6.63 -30.33
CA ALA E 253 0.72 6.07 -28.97
C ALA E 253 1.89 6.56 -28.10
N THR E 254 2.03 7.89 -28.00
CA THR E 254 3.06 8.44 -27.14
C THR E 254 2.77 8.08 -25.67
N VAL E 255 3.82 8.15 -24.87
CA VAL E 255 3.78 7.86 -23.44
C VAL E 255 4.14 9.15 -22.68
N SER E 256 3.40 9.40 -21.58
CA SER E 256 3.72 10.50 -20.66
C SER E 256 4.98 10.10 -19.89
N MET E 257 6.08 10.80 -20.16
CA MET E 257 7.41 10.31 -19.79
C MET E 257 8.09 11.13 -18.67
N PRO E 258 8.33 10.55 -17.49
CA PRO E 258 9.16 11.24 -16.47
C PRO E 258 10.57 11.47 -16.97
N LEU E 259 11.08 12.68 -16.75
CA LEU E 259 12.41 13.07 -17.19
C LEU E 259 13.12 13.76 -16.05
N SER E 260 14.45 13.86 -16.17
CA SER E 260 15.18 14.82 -15.36
C SER E 260 15.10 16.17 -16.04
N TRP E 261 15.39 17.23 -15.26
CA TRP E 261 15.38 18.58 -15.84
C TRP E 261 16.36 18.70 -17.00
N ASP E 262 17.57 18.15 -16.84
CA ASP E 262 18.52 18.17 -17.97
C ASP E 262 17.97 17.44 -19.18
N GLU E 263 17.35 16.26 -18.96
CA GLU E 263 16.75 15.57 -20.10
C GLU E 263 15.66 16.41 -20.72
N LEU E 264 14.79 17.03 -19.90
CA LEU E 264 13.63 17.76 -20.43
C LEU E 264 14.08 18.92 -21.31
N ARG E 265 15.23 19.54 -20.96
CA ARG E 265 15.63 20.73 -21.69
C ARG E 265 15.86 20.43 -23.18
N ASN E 266 16.22 19.18 -23.55
CA ASN E 266 16.47 18.81 -24.95
C ASN E 266 15.42 17.82 -25.47
N ALA E 267 14.31 17.66 -24.80
CA ALA E 267 13.39 16.57 -25.08
C ALA E 267 12.51 16.84 -26.30
N ASP E 268 12.03 15.74 -26.90
CA ASP E 268 10.96 15.76 -27.90
C ASP E 268 9.95 14.70 -27.46
N PRO E 269 8.71 15.07 -27.18
CA PRO E 269 7.75 14.09 -26.63
C PRO E 269 7.46 12.92 -27.56
N ASP E 270 7.65 13.08 -28.88
CA ASP E 270 7.41 11.97 -29.79
C ASP E 270 8.45 10.85 -29.70
N ASP E 271 9.55 11.05 -28.99
CA ASP E 271 10.49 9.96 -28.78
C ASP E 271 9.95 8.92 -27.82
N TYR E 272 8.92 9.25 -27.04
CA TYR E 272 8.45 8.35 -25.99
C TYR E 272 7.09 7.79 -26.37
N THR E 273 7.07 6.51 -26.77
CA THR E 273 5.88 5.77 -27.22
C THR E 273 5.85 4.40 -26.54
N MET E 274 4.69 3.74 -26.65
CA MET E 274 4.59 2.39 -26.09
C MET E 274 5.59 1.47 -26.75
N ASN E 275 6.11 1.81 -27.93
CA ASN E 275 7.12 0.98 -28.60
C ASN E 275 8.56 1.32 -28.20
N THR E 276 8.86 2.55 -27.80
CA THR E 276 10.23 2.90 -27.48
C THR E 276 10.55 2.91 -25.98
N VAL E 277 9.55 3.07 -25.12
CA VAL E 277 9.84 3.47 -23.74
C VAL E 277 10.51 2.35 -22.95
N PRO E 278 10.10 1.08 -23.05
CA PRO E 278 10.78 0.04 -22.24
C PRO E 278 12.27 -0.06 -22.49
N ASP E 279 12.72 0.00 -23.74
CA ASP E 279 14.17 -0.04 -24.00
C ASP E 279 14.87 1.21 -23.49
N LEU E 280 14.23 2.37 -23.59
CA LEU E 280 14.81 3.58 -23.04
C LEU E 280 14.99 3.48 -21.53
N LEU E 281 14.05 2.81 -20.84
CA LEU E 281 14.13 2.71 -19.38
C LEU E 281 15.26 1.80 -18.90
N ALA E 282 15.66 0.80 -19.69
CA ALA E 282 16.66 -0.15 -19.20
C ALA E 282 18.02 0.51 -18.98
N GLY E 283 18.63 0.22 -17.82
CA GLY E 283 19.93 0.76 -17.47
C GLY E 283 19.99 2.26 -17.25
N ARG E 284 18.85 2.89 -16.99
CA ARG E 284 18.79 4.33 -16.76
C ARG E 284 18.13 4.56 -15.41
N ASP E 285 18.74 5.44 -14.61
CA ASP E 285 18.21 5.79 -13.30
C ASP E 285 16.84 6.45 -13.43
N ASP E 286 15.92 6.06 -12.56
CA ASP E 286 14.61 6.73 -12.49
C ASP E 286 14.81 8.20 -12.10
N PRO E 287 14.50 9.16 -12.97
CA PRO E 287 14.70 10.57 -12.60
C PRO E 287 13.74 11.05 -11.50
N TRP E 288 12.64 10.32 -11.28
CA TRP E 288 11.70 10.63 -10.20
C TRP E 288 11.89 9.74 -8.98
N ALA E 289 13.07 9.11 -8.86
CA ALA E 289 13.34 8.18 -7.76
C ALA E 289 13.07 8.81 -6.39
N ASP E 290 13.34 10.11 -6.23
CA ASP E 290 13.31 10.73 -4.92
C ASP E 290 12.01 11.50 -4.63
N ILE E 291 10.99 11.39 -5.47
CA ILE E 291 9.86 12.31 -5.29
C ILE E 291 9.25 12.15 -3.89
N ASP E 292 9.30 10.94 -3.33
CA ASP E 292 8.62 10.65 -2.07
C ASP E 292 9.48 10.92 -0.84
N SER E 293 10.75 11.22 -1.03
CA SER E 293 11.65 11.40 0.11
C SER E 293 11.42 12.71 0.85
N VAL E 294 10.78 13.69 0.25
CA VAL E 294 10.55 14.94 0.95
C VAL E 294 9.08 15.30 0.82
N GLN E 295 8.40 15.41 1.96
CA GLN E 295 7.03 15.88 2.08
C GLN E 295 7.10 17.39 2.27
N GLN E 296 6.89 18.15 1.22
CA GLN E 296 7.18 19.56 1.32
C GLN E 296 6.03 20.33 1.95
N SER E 297 6.38 21.45 2.55
CA SER E 297 5.43 22.42 3.03
C SER E 297 4.98 23.33 1.88
N LEU E 298 3.75 23.79 1.97
CA LEU E 298 3.23 24.81 1.06
C LEU E 298 3.60 26.22 1.51
N GLY E 299 4.25 26.35 2.69
CA GLY E 299 4.63 27.63 3.26
C GLY E 299 5.15 28.68 2.28
N PRO E 300 6.18 28.36 1.48
CA PRO E 300 6.68 29.36 0.50
C PRO E 300 5.61 29.80 -0.51
N LEU E 301 4.73 28.88 -0.94
CA LEU E 301 3.67 29.25 -1.88
C LEU E 301 2.60 30.09 -1.19
N LEU E 302 2.31 29.80 0.07
CA LEU E 302 1.37 30.61 0.82
C LEU E 302 1.91 32.02 1.07
N ASP E 303 3.24 32.16 1.19
CA ASP E 303 3.80 33.52 1.21
C ASP E 303 3.54 34.22 -0.12
N LEU E 304 3.69 33.51 -1.25
CA LEU E 304 3.30 34.10 -2.53
C LEU E 304 1.82 34.49 -2.53
N VAL E 305 0.96 33.61 -2.00
CA VAL E 305 -0.48 33.92 -1.96
C VAL E 305 -0.72 35.22 -1.19
N ALA E 306 -0.05 35.39 -0.03
CA ALA E 306 -0.21 36.62 0.74
C ALA E 306 0.33 37.84 -0.01
N ALA E 307 1.44 37.69 -0.72
CA ALA E 307 1.96 38.84 -1.46
C ALA E 307 0.99 39.24 -2.58
N ASP E 308 0.35 38.26 -3.22
CA ASP E 308 -0.69 38.58 -4.20
C ASP E 308 -1.91 39.24 -3.54
N GLU E 309 -2.32 38.78 -2.35
CA GLU E 309 -3.40 39.49 -1.66
C GLU E 309 -3.02 40.95 -1.47
N GLU E 310 -1.75 41.19 -1.14
CA GLU E 310 -1.26 42.57 -0.97
C GLU E 310 -1.44 43.40 -2.26
N ARG E 311 -1.28 42.79 -3.43
CA ARG E 311 -1.44 43.46 -4.71
C ARG E 311 -2.91 43.52 -5.18
N GLY E 312 -3.88 43.09 -4.38
CA GLY E 312 -5.26 43.13 -4.81
C GLY E 312 -5.69 41.92 -5.63
N LEU E 313 -4.84 40.90 -5.73
CA LEU E 313 -5.12 39.71 -6.54
C LEU E 313 -5.64 38.58 -5.66
N GLY E 314 -6.82 38.08 -5.97
CA GLY E 314 -7.39 37.03 -5.14
C GLY E 314 -7.61 35.74 -5.89
N ASP E 315 -8.74 35.10 -5.62
CA ASP E 315 -9.10 33.84 -6.27
C ASP E 315 -9.49 34.11 -7.72
N LEU E 316 -9.54 33.03 -8.51
CA LEU E 316 -9.79 33.08 -9.95
C LEU E 316 -11.00 32.18 -10.27
N PRO E 317 -11.56 32.29 -11.47
CA PRO E 317 -12.77 31.50 -11.81
C PRO E 317 -12.51 30.00 -11.83
N TYR E 318 -13.54 29.24 -11.46
CA TYR E 318 -13.54 27.80 -11.60
C TYR E 318 -14.07 27.37 -12.96
N PRO E 319 -13.93 26.09 -13.30
CA PRO E 319 -14.39 25.60 -14.61
C PRO E 319 -15.91 25.46 -14.68
N PRO E 320 -16.47 25.17 -15.84
CA PRO E 320 -17.90 24.85 -15.89
C PRO E 320 -18.24 23.62 -15.06
N ASN E 321 -19.46 23.63 -14.52
CA ASN E 321 -20.10 22.53 -13.81
C ASN E 321 -19.67 22.45 -12.37
N TYR E 322 -18.79 23.36 -11.90
CA TYR E 322 -18.53 23.48 -10.48
C TYR E 322 -19.57 24.39 -9.83
N PRO E 323 -19.93 24.10 -8.59
CA PRO E 323 -20.76 25.05 -7.83
C PRO E 323 -19.98 26.33 -7.57
N LYS E 324 -20.73 27.42 -7.39
CA LYS E 324 -20.10 28.69 -7.06
C LYS E 324 -19.31 28.54 -5.76
N MET E 325 -17.95 28.84 -5.83
CA MET E 325 -17.12 28.56 -4.66
C MET E 325 -17.03 29.79 -3.75
N PRO E 326 -16.85 29.59 -2.47
CA PRO E 326 -16.74 30.74 -1.56
C PRO E 326 -15.57 31.60 -1.97
N GLY E 327 -15.85 32.90 -2.14
CA GLY E 327 -14.83 33.83 -2.57
C GLY E 327 -14.51 33.83 -4.06
N GLU E 328 -15.14 32.95 -4.85
CA GLU E 328 -14.84 32.90 -6.29
C GLU E 328 -15.35 34.17 -6.97
N PRO E 329 -14.57 34.77 -7.86
CA PRO E 329 -15.05 35.96 -8.58
C PRO E 329 -16.09 35.59 -9.62
N PRO E 330 -16.71 36.55 -10.29
CA PRO E 330 -17.72 36.22 -11.30
C PRO E 330 -17.17 35.29 -12.36
N ARG E 331 -17.86 34.17 -12.59
CA ARG E 331 -17.39 33.13 -13.50
C ARG E 331 -17.85 33.47 -14.93
N VAL E 332 -17.26 34.55 -15.43
CA VAL E 332 -17.57 35.01 -16.78
C VAL E 332 -16.35 35.75 -17.29
N GLN E 333 -16.18 35.78 -18.59
CA GLN E 333 -15.06 36.52 -19.10
C GLN E 333 -15.29 38.00 -18.89
N PRO E 334 -14.31 38.73 -18.41
CA PRO E 334 -14.58 40.16 -18.19
C PRO E 334 -14.56 40.84 -19.55
N SER E 335 -15.69 40.76 -20.26
CA SER E 335 -15.87 41.50 -21.50
C SER E 335 -15.77 42.99 -21.19
N LYS E 336 -14.54 43.48 -21.11
CA LYS E 336 -14.20 44.87 -20.77
C LYS E 336 -14.44 45.07 -19.27
#